data_3K4E
#
_entry.id   3K4E
#
_cell.length_a   150.078
_cell.length_b   87.134
_cell.length_c   124.910
_cell.angle_alpha   90.00
_cell.angle_beta   116.23
_cell.angle_gamma   90.00
#
_symmetry.space_group_name_H-M   'C 1 2 1'
#
loop_
_entity.id
_entity.type
_entity.pdbx_description
1 polymer 'mRNA-binding protein PUF3'
2 polymer "RNA (5'-R(P*CP*UP*UP*GP*UP*AP*UP*AP*UP*A)-3')"
3 water water
#
loop_
_entity_poly.entity_id
_entity_poly.type
_entity_poly.pdbx_seq_one_letter_code
_entity_poly.pdbx_strand_id
1 'polypeptide(L)'
;TYHRSPLLEQLRNSSSDKNSNSNMSLKDIFGHSLEFCKDQHGSRFIQRELATSPASEKEVIFNEIRDDAIELSNDVFGNY
VIQKFFEFGSKIQKNTLVDQFKGNMKQLSLQMYACRVIQKALEYIDSNQRIELVLELSDSVLQMIKDQNGNHVIQKAIET
IPIEKLPFILSSLTGHIYHLSTHSYGCRVIQRLLEFGSSEDQESILNELKDFIPYLIQDQYGNYVIQYVLQQDQFTNKEM
VDIKQEIIETVANNVVEYSKHKFASNVVEKSILYGSKNQKDLIISKILPRDKNHALNLEDDSPMILMIKDQFANYVIQKL
VNVSEGEGKKLIVIAIRAYLDKLNKSNSLGNRHLASVEKLAALVENAEV
;
A,C,E
2 'polyribonucleotide' CUUGUAUAUA B,D,F
#
loop_
_chem_comp.id
_chem_comp.type
_chem_comp.name
_chem_comp.formula
A RNA linking ADENOSINE-5'-MONOPHOSPHATE 'C10 H14 N5 O7 P'
C RNA linking CYTIDINE-5'-MONOPHOSPHATE 'C9 H14 N3 O8 P'
G RNA linking GUANOSINE-5'-MONOPHOSPHATE 'C10 H14 N5 O8 P'
U RNA linking URIDINE-5'-MONOPHOSPHATE 'C9 H13 N2 O9 P'
#
# COMPACT_ATOMS: atom_id res chain seq x y z
N SER A 5 25.65 33.63 -21.90
CA SER A 5 25.55 34.02 -23.30
C SER A 5 25.15 35.49 -23.46
N PRO A 6 25.79 36.17 -24.41
CA PRO A 6 25.63 37.61 -24.65
C PRO A 6 24.18 38.07 -24.87
N LEU A 7 23.43 37.36 -25.72
CA LEU A 7 22.07 37.78 -26.09
C LEU A 7 21.08 37.67 -24.92
N LEU A 8 21.32 36.70 -24.05
CA LEU A 8 20.49 36.50 -22.86
C LEU A 8 20.75 37.60 -21.84
N GLU A 9 21.98 38.08 -21.78
CA GLU A 9 22.36 39.15 -20.89
C GLU A 9 21.80 40.49 -21.39
N GLN A 10 21.64 40.59 -22.70
CA GLN A 10 21.12 41.82 -23.31
C GLN A 10 19.60 41.96 -23.06
N LEU A 11 18.96 40.83 -22.82
CA LEU A 11 17.51 40.78 -22.62
C LEU A 11 17.11 41.17 -21.21
N ARG A 12 17.78 40.56 -20.24
CA ARG A 12 17.42 40.72 -18.84
C ARG A 12 17.78 42.11 -18.31
N ASN A 13 18.85 42.69 -18.83
CA ASN A 13 19.34 43.99 -18.36
C ASN A 13 18.80 45.16 -19.17
N SER A 14 17.73 44.91 -19.94
CA SER A 14 17.10 45.95 -20.76
C SER A 14 15.59 45.73 -20.88
N ASN A 23 14.25 47.17 -26.55
CA ASN A 23 13.80 45.79 -26.46
C ASN A 23 14.11 45.01 -27.76
N MET A 24 14.35 43.71 -27.63
CA MET A 24 14.66 42.85 -28.78
C MET A 24 13.43 42.20 -29.43
N SER A 25 13.66 41.57 -30.58
CA SER A 25 12.63 40.78 -31.24
C SER A 25 13.21 39.46 -31.76
N LEU A 26 12.36 38.62 -32.34
CA LEU A 26 12.76 37.29 -32.78
C LEU A 26 13.80 37.30 -33.93
N LYS A 27 13.97 38.45 -34.57
CA LYS A 27 14.90 38.56 -35.67
C LYS A 27 16.32 38.68 -35.11
N ASP A 28 16.39 39.15 -33.87
CA ASP A 28 17.68 39.37 -33.20
C ASP A 28 18.30 38.10 -32.61
N ILE A 29 17.52 37.04 -32.50
CA ILE A 29 18.00 35.83 -31.86
C ILE A 29 18.06 34.65 -32.81
N PHE A 30 18.54 34.89 -34.04
CA PHE A 30 18.51 33.83 -35.05
C PHE A 30 19.52 32.74 -34.77
N GLY A 31 20.55 33.09 -34.02
CA GLY A 31 21.62 32.14 -33.76
C GLY A 31 21.33 31.23 -32.59
N HIS A 32 20.59 31.75 -31.62
CA HIS A 32 20.45 31.07 -30.34
C HIS A 32 18.99 30.95 -29.89
N SER A 33 18.13 30.37 -30.74
CA SER A 33 16.72 30.20 -30.41
C SER A 33 16.53 29.05 -29.43
N LEU A 34 17.20 27.93 -29.71
CA LEU A 34 17.13 26.73 -28.87
C LEU A 34 17.70 27.05 -27.50
N GLU A 35 18.70 27.92 -27.45
CA GLU A 35 19.28 28.36 -26.20
C GLU A 35 18.30 29.24 -25.42
N PHE A 36 17.50 30.00 -26.15
CA PHE A 36 16.54 30.91 -25.54
C PHE A 36 15.34 30.19 -24.94
N CYS A 37 14.91 29.12 -25.60
CA CYS A 37 13.75 28.33 -25.18
C CYS A 37 13.99 27.61 -23.88
N LYS A 38 15.20 27.07 -23.72
CA LYS A 38 15.58 26.29 -22.52
C LYS A 38 15.78 27.15 -21.27
N ASP A 39 16.08 28.43 -21.47
CA ASP A 39 16.17 29.39 -20.37
C ASP A 39 14.78 29.88 -20.03
N GLN A 40 14.56 30.23 -18.77
CA GLN A 40 13.25 30.68 -18.32
C GLN A 40 12.85 32.02 -18.90
N HIS A 41 13.66 33.03 -18.65
CA HIS A 41 13.34 34.37 -19.11
C HIS A 41 13.31 34.45 -20.64
N GLY A 42 14.18 33.66 -21.28
CA GLY A 42 14.28 33.61 -22.73
C GLY A 42 13.07 32.98 -23.35
N SER A 43 12.47 32.03 -22.63
CA SER A 43 11.24 31.37 -23.07
C SER A 43 10.00 32.26 -22.96
N ARG A 44 9.81 32.88 -21.81
CA ARG A 44 8.70 33.81 -21.59
C ARG A 44 8.70 34.94 -22.62
N PHE A 45 9.89 35.25 -23.14
CA PHE A 45 10.05 36.29 -24.17
C PHE A 45 9.53 35.77 -25.49
N ILE A 46 9.86 34.52 -25.79
CA ILE A 46 9.43 33.92 -27.03
C ILE A 46 7.93 33.64 -27.02
N GLN A 47 7.40 33.24 -25.87
CA GLN A 47 5.97 33.03 -25.78
C GLN A 47 5.24 34.34 -26.06
N ARG A 48 5.78 35.43 -25.51
CA ARG A 48 5.18 36.74 -25.65
C ARG A 48 5.16 37.18 -27.11
N GLU A 49 6.27 36.93 -27.80
CA GLU A 49 6.43 37.42 -29.17
C GLU A 49 5.64 36.59 -30.16
N LEU A 50 5.57 35.27 -29.94
CA LEU A 50 4.89 34.39 -30.89
C LEU A 50 3.42 34.76 -31.03
N ALA A 51 2.88 35.42 -30.01
CA ALA A 51 1.48 35.78 -30.03
C ALA A 51 1.23 36.96 -30.96
N THR A 52 2.24 37.80 -31.13
CA THR A 52 2.09 39.05 -31.86
C THR A 52 2.93 39.15 -33.14
N SER A 53 4.00 38.37 -33.22
CA SER A 53 4.90 38.39 -34.38
C SER A 53 4.26 37.91 -35.67
N PRO A 54 4.65 38.50 -36.81
CA PRO A 54 4.17 38.06 -38.12
C PRO A 54 4.63 36.64 -38.49
N ALA A 55 4.04 36.10 -39.55
CA ALA A 55 4.40 34.76 -40.01
C ALA A 55 5.91 34.56 -40.27
N SER A 56 6.58 35.58 -40.81
CA SER A 56 7.99 35.45 -41.21
C SER A 56 8.88 35.22 -40.02
N GLU A 57 8.65 36.02 -38.98
CA GLU A 57 9.42 35.91 -37.74
C GLU A 57 9.13 34.61 -37.00
N LYS A 58 7.90 34.11 -37.13
CA LYS A 58 7.55 32.83 -36.52
C LYS A 58 8.21 31.67 -37.27
N GLU A 59 8.27 31.76 -38.59
CA GLU A 59 8.85 30.68 -39.39
C GLU A 59 10.32 30.57 -39.09
N VAL A 60 10.95 31.71 -38.81
CA VAL A 60 12.40 31.73 -38.63
C VAL A 60 12.78 30.98 -37.36
N ILE A 61 11.99 31.16 -36.31
CA ILE A 61 12.23 30.48 -35.04
C ILE A 61 11.89 29.01 -35.23
N PHE A 62 10.74 28.75 -35.82
CA PHE A 62 10.32 27.38 -36.01
C PHE A 62 11.31 26.54 -36.80
N ASN A 63 11.71 27.02 -37.97
CA ASN A 63 12.59 26.24 -38.85
C ASN A 63 13.93 26.01 -38.21
N GLU A 64 14.22 26.77 -37.15
CA GLU A 64 15.48 26.60 -36.44
C GLU A 64 15.40 25.54 -35.33
N ILE A 65 14.34 25.58 -34.54
CA ILE A 65 14.17 24.62 -33.46
C ILE A 65 13.28 23.42 -33.79
N ARG A 66 12.92 23.24 -35.05
CA ARG A 66 12.03 22.14 -35.42
C ARG A 66 12.67 20.78 -35.17
N ASP A 67 13.99 20.71 -35.27
CA ASP A 67 14.67 19.42 -35.13
C ASP A 67 14.73 18.98 -33.65
N ASP A 68 14.66 19.96 -32.75
CA ASP A 68 14.76 19.67 -31.33
C ASP A 68 13.42 19.87 -30.64
N ALA A 69 12.34 19.53 -31.32
CA ALA A 69 11.00 19.74 -30.79
C ALA A 69 10.68 18.74 -29.69
N ILE A 70 11.13 17.50 -29.85
CA ILE A 70 10.89 16.48 -28.83
C ILE A 70 11.64 16.81 -27.54
N GLU A 71 12.89 17.27 -27.67
CA GLU A 71 13.69 17.59 -26.50
C GLU A 71 13.13 18.78 -25.73
N LEU A 72 12.62 19.74 -26.49
CA LEU A 72 12.04 20.95 -25.92
C LEU A 72 10.69 20.68 -25.28
N SER A 73 9.94 19.73 -25.84
CA SER A 73 8.67 19.32 -25.25
C SER A 73 8.87 18.85 -23.83
N ASN A 74 9.95 18.09 -23.64
CA ASN A 74 10.30 17.49 -22.35
C ASN A 74 10.86 18.54 -21.39
N ASP A 75 11.26 19.69 -21.93
CA ASP A 75 11.96 20.73 -21.17
C ASP A 75 11.08 21.50 -20.20
N VAL A 76 11.68 21.91 -19.10
CA VAL A 76 10.95 22.63 -18.05
C VAL A 76 10.38 23.97 -18.52
N PHE A 77 11.14 24.69 -19.34
CA PHE A 77 10.71 26.00 -19.85
C PHE A 77 10.45 25.96 -21.36
N GLY A 78 11.05 24.99 -22.04
CA GLY A 78 10.90 24.89 -23.48
C GLY A 78 9.56 24.33 -23.92
N ASN A 79 8.84 23.68 -23.02
CA ASN A 79 7.56 23.09 -23.41
C ASN A 79 6.53 24.17 -23.75
N TYR A 80 6.62 25.32 -23.10
CA TYR A 80 5.69 26.39 -23.38
C TYR A 80 5.80 26.91 -24.81
N VAL A 81 7.00 26.96 -25.34
CA VAL A 81 7.23 27.46 -26.69
C VAL A 81 6.65 26.53 -27.74
N ILE A 82 6.74 25.23 -27.52
CA ILE A 82 6.16 24.28 -28.44
C ILE A 82 4.64 24.36 -28.39
N GLN A 83 4.10 24.62 -27.20
CA GLN A 83 2.66 24.82 -27.03
C GLN A 83 2.20 26.02 -27.84
N LYS A 84 3.00 27.08 -27.84
CA LYS A 84 2.63 28.29 -28.56
C LYS A 84 2.64 28.08 -30.06
N PHE A 85 3.35 27.08 -30.54
CA PHE A 85 3.36 26.83 -31.99
C PHE A 85 2.12 26.06 -32.44
N PHE A 86 1.36 25.57 -31.46
CA PHE A 86 0.10 24.90 -31.73
C PHE A 86 -1.00 25.95 -31.67
N GLU A 87 -0.81 26.89 -30.76
CA GLU A 87 -1.77 27.95 -30.51
C GLU A 87 -1.65 29.07 -31.54
N PHE A 88 -0.43 29.39 -31.96
CA PHE A 88 -0.23 30.49 -32.89
C PHE A 88 0.43 30.10 -34.21
N GLY A 89 0.90 28.87 -34.31
CA GLY A 89 1.58 28.42 -35.51
C GLY A 89 0.68 28.16 -36.71
N SER A 90 1.30 27.94 -37.85
CA SER A 90 0.56 27.67 -39.09
C SER A 90 0.19 26.19 -39.24
N LYS A 91 -0.66 25.92 -40.21
CA LYS A 91 -1.10 24.55 -40.47
C LYS A 91 0.09 23.65 -40.81
N ILE A 92 1.03 24.17 -41.58
CA ILE A 92 2.17 23.38 -42.00
C ILE A 92 3.06 23.09 -40.80
N GLN A 93 3.18 24.07 -39.90
CA GLN A 93 4.01 23.93 -38.72
C GLN A 93 3.42 22.96 -37.71
N LYS A 94 2.11 23.05 -37.51
CA LYS A 94 1.43 22.11 -36.64
C LYS A 94 1.56 20.67 -37.16
N ASN A 95 1.49 20.50 -38.48
CA ASN A 95 1.62 19.18 -39.08
C ASN A 95 3.01 18.60 -38.92
N THR A 96 4.01 19.47 -38.86
CA THR A 96 5.37 19.02 -38.73
C THR A 96 5.62 18.50 -37.33
N LEU A 97 5.07 19.19 -36.35
CA LEU A 97 5.24 18.76 -34.97
C LEU A 97 4.50 17.44 -34.76
N VAL A 98 3.33 17.31 -35.38
CA VAL A 98 2.56 16.09 -35.20
C VAL A 98 3.32 14.92 -35.76
N ASP A 99 3.95 15.13 -36.91
CA ASP A 99 4.67 14.04 -37.58
C ASP A 99 5.84 13.57 -36.73
N GLN A 100 6.33 14.43 -35.85
CA GLN A 100 7.42 14.06 -34.96
C GLN A 100 6.95 13.30 -33.73
N PHE A 101 5.69 13.55 -33.35
CA PHE A 101 5.10 12.91 -32.20
C PHE A 101 4.69 11.46 -32.52
N LYS A 102 4.48 11.17 -33.80
CA LYS A 102 4.02 9.82 -34.20
C LYS A 102 5.03 8.76 -33.83
N GLY A 103 4.59 7.79 -33.04
CA GLY A 103 5.42 6.70 -32.58
C GLY A 103 6.04 7.04 -31.25
N ASN A 104 5.66 8.21 -30.74
CA ASN A 104 6.22 8.71 -29.48
C ASN A 104 5.16 9.16 -28.49
N MET A 105 3.90 8.85 -28.80
CA MET A 105 2.79 9.26 -27.96
C MET A 105 2.82 8.61 -26.58
N LYS A 106 3.25 7.37 -26.49
CA LYS A 106 3.24 6.73 -25.20
C LYS A 106 4.29 7.42 -24.36
N GLN A 107 5.46 7.65 -24.95
CA GLN A 107 6.57 8.21 -24.19
C GLN A 107 6.28 9.64 -23.72
N LEU A 108 5.72 10.45 -24.61
CA LEU A 108 5.52 11.87 -24.33
C LEU A 108 4.44 12.09 -23.30
N SER A 109 3.43 11.22 -23.30
CA SER A 109 2.30 11.37 -22.40
C SER A 109 2.68 11.07 -20.97
N LEU A 110 3.79 10.34 -20.78
CA LEU A 110 4.23 9.94 -19.47
C LEU A 110 5.19 10.97 -18.86
N GLN A 111 5.85 11.74 -19.72
CA GLN A 111 6.86 12.74 -19.31
C GLN A 111 6.19 13.93 -18.63
N MET A 112 6.85 14.43 -17.58
CA MET A 112 6.25 15.47 -16.75
C MET A 112 5.80 16.73 -17.49
N TYR A 113 6.63 17.18 -18.44
CA TYR A 113 6.37 18.41 -19.17
C TYR A 113 5.84 18.18 -20.58
N ALA A 114 6.18 17.05 -21.19
CA ALA A 114 5.74 16.79 -22.55
C ALA A 114 4.25 16.48 -22.60
N CYS A 115 3.69 16.00 -21.49
CA CYS A 115 2.26 15.67 -21.53
C CYS A 115 1.44 16.93 -21.68
N ARG A 116 2.00 18.05 -21.22
CA ARG A 116 1.32 19.33 -21.30
C ARG A 116 1.27 19.78 -22.74
N VAL A 117 2.32 19.45 -23.48
CA VAL A 117 2.36 19.73 -24.92
C VAL A 117 1.34 18.85 -25.66
N ILE A 118 1.28 17.57 -25.31
CA ILE A 118 0.34 16.66 -25.96
C ILE A 118 -1.09 17.09 -25.71
N GLN A 119 -1.37 17.53 -24.50
CA GLN A 119 -2.69 18.04 -24.16
C GLN A 119 -3.02 19.30 -24.94
N LYS A 120 -2.04 20.18 -25.10
CA LYS A 120 -2.28 21.42 -25.81
C LYS A 120 -2.44 21.13 -27.29
N ALA A 121 -1.79 20.07 -27.75
CA ALA A 121 -1.79 19.76 -29.16
C ALA A 121 -3.17 19.27 -29.55
N LEU A 122 -3.73 18.41 -28.70
CA LEU A 122 -5.05 17.83 -28.96
C LEU A 122 -6.13 18.89 -29.10
N GLU A 123 -5.94 20.01 -28.43
CA GLU A 123 -6.91 21.10 -28.48
C GLU A 123 -6.89 21.86 -29.82
N TYR A 124 -5.77 21.81 -30.54
CA TYR A 124 -5.60 22.69 -31.69
C TYR A 124 -5.50 21.98 -33.06
N ILE A 125 -4.97 20.76 -33.07
CA ILE A 125 -4.86 19.98 -34.31
C ILE A 125 -6.23 19.49 -34.79
N ASP A 126 -6.28 18.90 -35.97
CA ASP A 126 -7.55 18.50 -36.56
C ASP A 126 -8.04 17.15 -36.07
N SER A 127 -9.34 16.90 -36.20
CA SER A 127 -9.98 15.74 -35.60
C SER A 127 -9.28 14.44 -36.00
N ASN A 128 -8.76 14.40 -37.22
CA ASN A 128 -8.17 13.17 -37.74
C ASN A 128 -6.79 12.93 -37.15
N GLN A 129 -6.11 14.00 -36.80
CA GLN A 129 -4.80 13.91 -36.19
C GLN A 129 -4.90 13.58 -34.71
N ARG A 130 -5.97 14.03 -34.06
CA ARG A 130 -6.17 13.73 -32.64
C ARG A 130 -6.31 12.22 -32.39
N ILE A 131 -7.21 11.56 -33.12
CA ILE A 131 -7.44 10.13 -32.95
C ILE A 131 -6.22 9.31 -33.40
N GLU A 132 -5.57 9.75 -34.46
CA GLU A 132 -4.38 9.10 -34.98
C GLU A 132 -3.27 8.98 -33.95
N LEU A 133 -3.09 10.02 -33.15
CA LEU A 133 -2.11 10.01 -32.07
C LEU A 133 -2.61 9.20 -30.87
N VAL A 134 -3.88 9.36 -30.52
CA VAL A 134 -4.43 8.69 -29.36
C VAL A 134 -4.54 7.18 -29.54
N LEU A 135 -4.68 6.70 -30.78
CA LEU A 135 -4.72 5.25 -31.04
C LEU A 135 -3.44 4.54 -30.63
N GLU A 136 -2.40 5.31 -30.36
CA GLU A 136 -1.14 4.72 -29.95
C GLU A 136 -1.19 4.33 -28.49
N LEU A 137 -2.25 4.75 -27.81
CA LEU A 137 -2.41 4.43 -26.40
C LEU A 137 -3.51 3.41 -26.24
N SER A 138 -3.87 2.71 -27.31
CA SER A 138 -5.01 1.78 -27.24
C SER A 138 -4.72 0.57 -26.35
N ASP A 139 -3.44 0.23 -26.22
CA ASP A 139 -3.06 -0.96 -25.46
C ASP A 139 -2.50 -0.62 -24.10
N SER A 140 -2.47 0.67 -23.78
CA SER A 140 -1.94 1.12 -22.51
C SER A 140 -2.90 2.05 -21.76
N VAL A 141 -4.19 1.80 -21.91
CA VAL A 141 -5.22 2.63 -21.31
C VAL A 141 -5.16 2.63 -19.78
N LEU A 142 -5.04 1.44 -19.21
CA LEU A 142 -4.96 1.29 -17.75
C LEU A 142 -3.66 1.87 -17.20
N GLN A 143 -2.58 1.71 -17.96
CA GLN A 143 -1.31 2.26 -17.55
C GLN A 143 -1.38 3.77 -17.45
N MET A 144 -2.03 4.38 -18.44
CA MET A 144 -2.08 5.82 -18.59
C MET A 144 -2.97 6.49 -17.55
N ILE A 145 -4.10 5.86 -17.27
CA ILE A 145 -5.01 6.33 -16.24
C ILE A 145 -4.35 6.34 -14.86
N LYS A 146 -3.56 5.32 -14.57
CA LYS A 146 -2.93 5.19 -13.26
C LYS A 146 -1.73 6.12 -13.12
N ASP A 147 -1.23 6.64 -14.24
CA ASP A 147 -0.08 7.54 -14.26
C ASP A 147 -0.43 8.98 -13.87
N GLN A 148 0.49 9.66 -13.17
CA GLN A 148 0.24 11.00 -12.67
C GLN A 148 0.08 12.00 -13.80
N ASN A 149 0.73 11.71 -14.92
CA ASN A 149 0.72 12.60 -16.07
C ASN A 149 -0.21 12.08 -17.15
N GLY A 150 -0.15 10.76 -17.38
CA GLY A 150 -0.88 10.15 -18.46
C GLY A 150 -2.40 10.20 -18.32
N ASN A 151 -2.91 10.39 -17.10
CA ASN A 151 -4.36 10.43 -16.93
C ASN A 151 -4.95 11.70 -17.51
N HIS A 152 -4.14 12.76 -17.52
CA HIS A 152 -4.61 14.05 -18.01
C HIS A 152 -4.67 14.03 -19.52
N VAL A 153 -3.87 13.17 -20.12
CA VAL A 153 -3.87 12.99 -21.56
C VAL A 153 -5.09 12.19 -21.99
N ILE A 154 -5.42 11.17 -21.21
CA ILE A 154 -6.65 10.42 -21.39
C ILE A 154 -7.87 11.32 -21.22
N GLN A 155 -7.92 12.05 -20.10
CA GLN A 155 -9.00 13.00 -19.87
C GLN A 155 -9.17 13.95 -21.05
N LYS A 156 -8.06 14.40 -21.60
CA LYS A 156 -8.12 15.36 -22.70
C LYS A 156 -8.62 14.67 -23.96
N ALA A 157 -8.24 13.41 -24.15
CA ALA A 157 -8.66 12.69 -25.34
C ALA A 157 -10.15 12.46 -25.32
N ILE A 158 -10.72 12.25 -24.13
CA ILE A 158 -12.16 12.04 -24.03
C ILE A 158 -12.90 13.34 -24.30
N GLU A 159 -12.29 14.45 -23.92
CA GLU A 159 -12.90 15.77 -24.04
C GLU A 159 -12.82 16.31 -25.46
N THR A 160 -11.84 15.84 -26.21
CA THR A 160 -11.61 16.38 -27.56
C THR A 160 -12.09 15.45 -28.67
N ILE A 161 -12.03 14.14 -28.43
CA ILE A 161 -12.48 13.15 -29.42
C ILE A 161 -13.81 12.50 -29.04
N PRO A 162 -14.70 12.32 -30.03
CA PRO A 162 -15.99 11.69 -29.79
C PRO A 162 -15.85 10.25 -29.30
N ILE A 163 -16.67 9.88 -28.33
CA ILE A 163 -16.55 8.57 -27.72
C ILE A 163 -16.66 7.43 -28.75
N GLU A 164 -17.38 7.67 -29.85
CA GLU A 164 -17.58 6.63 -30.85
C GLU A 164 -16.28 6.26 -31.54
N LYS A 165 -15.28 7.12 -31.41
CA LYS A 165 -13.98 6.86 -32.00
C LYS A 165 -13.02 6.31 -30.94
N LEU A 166 -13.50 6.16 -29.70
CA LEU A 166 -12.66 5.67 -28.61
C LEU A 166 -13.25 4.45 -27.90
N PRO A 167 -13.43 3.35 -28.64
CA PRO A 167 -14.06 2.17 -28.04
C PRO A 167 -13.07 1.45 -27.14
N PHE A 168 -11.78 1.72 -27.35
CA PHE A 168 -10.74 0.95 -26.70
C PHE A 168 -10.52 1.41 -25.27
N ILE A 169 -11.09 2.56 -24.92
CA ILE A 169 -10.96 3.07 -23.57
C ILE A 169 -11.84 2.31 -22.59
N LEU A 170 -13.14 2.24 -22.89
CA LEU A 170 -14.04 1.56 -21.99
C LEU A 170 -13.87 0.05 -22.03
N SER A 171 -13.49 -0.49 -23.18
CA SER A 171 -13.38 -1.94 -23.33
C SER A 171 -12.15 -2.48 -22.60
N SER A 172 -11.20 -1.60 -22.34
CA SER A 172 -10.01 -1.96 -21.58
C SER A 172 -10.22 -1.71 -20.10
N LEU A 173 -11.40 -1.20 -19.76
CA LEU A 173 -11.72 -0.83 -18.39
C LEU A 173 -12.76 -1.74 -17.73
N THR A 174 -13.33 -2.66 -18.51
CA THR A 174 -14.37 -3.52 -17.97
C THR A 174 -13.79 -4.51 -16.95
N GLY A 175 -14.31 -4.42 -15.73
CA GLY A 175 -13.81 -5.21 -14.61
C GLY A 175 -12.96 -4.40 -13.63
N HIS A 176 -12.54 -3.23 -14.06
CA HIS A 176 -11.70 -2.39 -13.22
C HIS A 176 -12.39 -1.10 -12.81
N ILE A 177 -13.68 -0.98 -13.13
CA ILE A 177 -14.38 0.28 -12.94
C ILE A 177 -14.57 0.65 -11.48
N TYR A 178 -14.76 -0.35 -10.61
CA TYR A 178 -14.93 -0.05 -9.19
C TYR A 178 -13.60 0.35 -8.55
N HIS A 179 -12.54 -0.35 -8.95
CA HIS A 179 -11.20 -0.08 -8.42
C HIS A 179 -10.71 1.33 -8.80
N LEU A 180 -11.02 1.76 -10.02
CA LEU A 180 -10.64 3.10 -10.50
C LEU A 180 -11.47 4.21 -9.89
N SER A 181 -12.70 3.90 -9.50
CA SER A 181 -13.57 4.87 -8.87
C SER A 181 -13.14 5.21 -7.45
N THR A 182 -12.37 4.32 -6.85
CA THR A 182 -11.77 4.57 -5.54
C THR A 182 -10.31 5.01 -5.64
N HIS A 183 -9.81 5.18 -6.87
CA HIS A 183 -8.44 5.63 -7.14
C HIS A 183 -8.37 7.14 -7.35
N SER A 184 -7.21 7.72 -7.05
CA SER A 184 -7.02 9.18 -7.11
C SER A 184 -7.29 9.76 -8.49
N TYR A 185 -6.77 9.12 -9.52
CA TYR A 185 -6.86 9.61 -10.88
C TYR A 185 -8.01 8.94 -11.63
N GLY A 186 -8.30 7.70 -11.27
CA GLY A 186 -9.33 6.95 -11.93
C GLY A 186 -10.69 7.60 -11.79
N CYS A 187 -10.93 8.25 -10.66
CA CYS A 187 -12.23 8.81 -10.40
C CYS A 187 -12.48 10.01 -11.33
N ARG A 188 -11.39 10.66 -11.73
CA ARG A 188 -11.47 11.77 -12.67
C ARG A 188 -11.83 11.27 -14.07
N VAL A 189 -11.21 10.18 -14.48
CA VAL A 189 -11.52 9.58 -15.79
C VAL A 189 -12.92 9.00 -15.89
N ILE A 190 -13.38 8.33 -14.83
CA ILE A 190 -14.72 7.75 -14.84
C ILE A 190 -15.77 8.83 -15.00
N GLN A 191 -15.60 9.92 -14.25
CA GLN A 191 -16.50 11.07 -14.34
C GLN A 191 -16.55 11.59 -15.77
N ARG A 192 -15.38 11.64 -16.41
CA ARG A 192 -15.31 12.06 -17.80
C ARG A 192 -15.98 11.09 -18.75
N LEU A 193 -15.81 9.79 -18.52
CA LEU A 193 -16.46 8.80 -19.36
C LEU A 193 -17.98 8.81 -19.18
N LEU A 194 -18.44 9.25 -18.02
CA LEU A 194 -19.87 9.26 -17.80
C LEU A 194 -20.46 10.50 -18.45
N GLU A 195 -19.63 11.51 -18.63
CA GLU A 195 -20.10 12.79 -19.15
C GLU A 195 -20.18 12.75 -20.67
N PHE A 196 -19.13 12.21 -21.29
CA PHE A 196 -19.03 12.21 -22.74
C PHE A 196 -19.52 10.92 -23.35
N GLY A 197 -19.67 9.89 -22.54
CA GLY A 197 -20.14 8.59 -23.01
C GLY A 197 -21.61 8.53 -23.41
N SER A 198 -21.93 7.52 -24.21
CA SER A 198 -23.29 7.30 -24.69
C SER A 198 -24.14 6.61 -23.62
N SER A 199 -25.41 6.38 -23.94
CA SER A 199 -26.30 5.70 -23.03
C SER A 199 -25.77 4.31 -22.71
N GLU A 200 -25.19 3.64 -23.70
CA GLU A 200 -24.67 2.29 -23.50
C GLU A 200 -23.39 2.25 -22.69
N ASP A 201 -22.62 3.33 -22.76
CA ASP A 201 -21.36 3.44 -22.04
C ASP A 201 -21.57 3.78 -20.57
N GLN A 202 -22.61 4.57 -20.32
CA GLN A 202 -23.01 4.89 -18.96
C GLN A 202 -23.61 3.65 -18.28
N GLU A 203 -24.31 2.84 -19.05
CA GLU A 203 -24.85 1.59 -18.56
C GLU A 203 -23.71 0.71 -18.05
N SER A 204 -22.70 0.54 -18.89
CA SER A 204 -21.61 -0.37 -18.57
C SER A 204 -20.81 0.06 -17.32
N ILE A 205 -20.77 1.35 -17.04
CA ILE A 205 -19.97 1.85 -15.91
C ILE A 205 -20.75 1.74 -14.61
N LEU A 206 -22.04 2.06 -14.70
CA LEU A 206 -22.92 2.04 -13.55
C LEU A 206 -23.35 0.62 -13.13
N ASN A 207 -23.39 -0.32 -14.07
CA ASN A 207 -23.65 -1.72 -13.70
C ASN A 207 -22.61 -2.25 -12.71
N GLU A 208 -21.37 -1.82 -12.87
CA GLU A 208 -20.27 -2.25 -12.01
C GLU A 208 -20.17 -1.41 -10.75
N LEU A 209 -21.17 -0.58 -10.50
CA LEU A 209 -21.16 0.26 -9.31
C LEU A 209 -22.47 0.13 -8.55
N LYS A 210 -23.48 -0.42 -9.20
CA LYS A 210 -24.80 -0.53 -8.59
C LYS A 210 -24.84 -1.60 -7.51
N ASP A 211 -23.68 -2.20 -7.23
CA ASP A 211 -23.60 -3.23 -6.20
C ASP A 211 -22.80 -2.74 -5.00
N PHE A 212 -22.13 -1.61 -5.17
CA PHE A 212 -21.23 -1.14 -4.13
C PHE A 212 -21.42 0.32 -3.72
N ILE A 213 -22.67 0.76 -3.68
CA ILE A 213 -22.96 2.16 -3.39
C ILE A 213 -22.51 2.58 -1.99
N PRO A 214 -22.79 1.78 -0.96
CA PRO A 214 -22.38 2.23 0.38
C PRO A 214 -20.87 2.44 0.51
N TYR A 215 -20.10 1.69 -0.28
CA TYR A 215 -18.65 1.75 -0.21
C TYR A 215 -18.14 3.01 -0.89
N LEU A 216 -18.74 3.32 -2.03
CA LEU A 216 -18.40 4.52 -2.79
C LEU A 216 -18.71 5.82 -2.05
N ILE A 217 -19.93 5.93 -1.51
CA ILE A 217 -20.31 7.08 -0.72
C ILE A 217 -19.31 7.42 0.39
N GLN A 218 -18.74 6.39 1.01
CA GLN A 218 -17.88 6.59 2.18
C GLN A 218 -16.41 6.63 1.81
N ASP A 219 -16.12 6.42 0.53
CA ASP A 219 -14.75 6.43 0.05
C ASP A 219 -14.23 7.86 -0.15
N GLN A 220 -12.91 8.04 -0.09
CA GLN A 220 -12.34 9.37 -0.25
C GLN A 220 -12.34 9.88 -1.69
N TYR A 221 -12.37 8.96 -2.66
CA TYR A 221 -12.44 9.36 -4.06
C TYR A 221 -13.77 8.96 -4.71
N GLY A 222 -14.36 7.88 -4.22
CA GLY A 222 -15.62 7.39 -4.75
C GLY A 222 -16.80 8.33 -4.52
N ASN A 223 -16.74 9.12 -3.46
CA ASN A 223 -17.88 9.96 -3.12
C ASN A 223 -18.09 11.06 -4.14
N TYR A 224 -17.04 11.34 -4.90
CA TYR A 224 -17.11 12.35 -5.96
C TYR A 224 -17.83 11.78 -7.16
N VAL A 225 -17.63 10.48 -7.39
CA VAL A 225 -18.30 9.79 -8.47
C VAL A 225 -19.78 9.67 -8.15
N ILE A 226 -20.09 9.45 -6.87
CA ILE A 226 -21.47 9.47 -6.42
C ILE A 226 -22.07 10.85 -6.59
N GLN A 227 -21.32 11.88 -6.20
CA GLN A 227 -21.83 13.24 -6.24
C GLN A 227 -22.13 13.64 -7.67
N TYR A 228 -21.41 13.06 -8.63
CA TYR A 228 -21.62 13.41 -10.02
C TYR A 228 -22.93 12.83 -10.51
N VAL A 229 -23.25 11.63 -10.05
CA VAL A 229 -24.48 11.01 -10.47
C VAL A 229 -25.68 11.71 -9.84
N LEU A 230 -25.46 12.29 -8.65
CA LEU A 230 -26.53 12.95 -7.90
C LEU A 230 -26.97 14.24 -8.58
N GLN A 231 -26.03 14.91 -9.24
CA GLN A 231 -26.32 16.20 -9.87
C GLN A 231 -26.73 16.05 -11.34
N GLN A 232 -27.24 14.88 -11.69
CA GLN A 232 -27.79 14.66 -13.03
C GLN A 232 -29.30 14.87 -13.06
N ASP A 233 -29.79 15.45 -14.14
CA ASP A 233 -31.23 15.66 -14.30
C ASP A 233 -31.94 14.41 -14.82
N GLN A 234 -33.28 14.41 -14.75
CA GLN A 234 -34.07 13.25 -15.20
C GLN A 234 -34.21 13.21 -16.73
N PHE A 235 -33.47 14.08 -17.40
CA PHE A 235 -33.43 14.16 -18.85
C PHE A 235 -32.52 13.05 -19.43
N THR A 236 -31.68 12.48 -18.58
CA THR A 236 -30.73 11.43 -18.97
C THR A 236 -31.40 10.07 -19.18
N ASN A 237 -30.57 9.05 -19.35
CA ASN A 237 -31.06 7.71 -19.68
C ASN A 237 -31.79 7.01 -18.54
N LYS A 238 -32.24 5.78 -18.79
CA LYS A 238 -33.02 5.01 -17.82
C LYS A 238 -32.15 4.53 -16.67
N GLU A 239 -30.87 4.30 -16.94
CA GLU A 239 -29.95 3.82 -15.93
C GLU A 239 -29.67 4.91 -14.88
N MET A 240 -29.41 6.12 -15.34
CA MET A 240 -29.05 7.23 -14.46
C MET A 240 -30.15 7.56 -13.44
N VAL A 241 -31.38 7.33 -13.84
CA VAL A 241 -32.52 7.57 -12.96
C VAL A 241 -32.54 6.49 -11.88
N ASP A 242 -32.31 5.25 -12.28
CA ASP A 242 -32.35 4.15 -11.33
C ASP A 242 -31.22 4.23 -10.31
N ILE A 243 -30.03 4.59 -10.77
CA ILE A 243 -28.85 4.65 -9.91
C ILE A 243 -28.95 5.82 -8.94
N LYS A 244 -29.50 6.92 -9.42
CA LYS A 244 -29.74 8.08 -8.56
C LYS A 244 -30.67 7.71 -7.41
N GLN A 245 -31.74 6.98 -7.71
CA GLN A 245 -32.67 6.55 -6.69
C GLN A 245 -31.98 5.63 -5.68
N GLU A 246 -31.13 4.73 -6.16
CA GLU A 246 -30.43 3.79 -5.27
C GLU A 246 -29.56 4.54 -4.27
N ILE A 247 -29.01 5.67 -4.71
CA ILE A 247 -28.15 6.47 -3.85
C ILE A 247 -28.98 7.14 -2.76
N ILE A 248 -30.10 7.69 -3.17
CA ILE A 248 -31.01 8.36 -2.24
C ILE A 248 -31.51 7.39 -1.18
N GLU A 249 -31.89 6.20 -1.62
CA GLU A 249 -32.38 5.18 -0.71
C GLU A 249 -31.27 4.78 0.25
N THR A 250 -30.04 4.67 -0.25
CA THR A 250 -28.94 4.23 0.58
C THR A 250 -28.62 5.27 1.65
N VAL A 251 -28.75 6.53 1.27
CA VAL A 251 -28.49 7.64 2.18
C VAL A 251 -29.63 7.77 3.18
N ALA A 252 -30.85 7.52 2.71
CA ALA A 252 -32.04 7.56 3.54
C ALA A 252 -31.95 6.52 4.66
N ASN A 253 -31.36 5.37 4.34
CA ASN A 253 -31.21 4.30 5.32
C ASN A 253 -30.21 4.64 6.40
N ASN A 254 -29.22 5.46 6.06
CA ASN A 254 -28.15 5.79 7.00
C ASN A 254 -27.89 7.29 7.13
N VAL A 255 -28.96 8.08 7.12
CA VAL A 255 -28.83 9.53 7.16
C VAL A 255 -27.93 9.99 8.30
N VAL A 256 -28.21 9.52 9.51
CA VAL A 256 -27.47 10.00 10.67
C VAL A 256 -26.00 9.66 10.56
N GLU A 257 -25.70 8.44 10.14
CA GLU A 257 -24.33 7.95 10.14
C GLU A 257 -23.51 8.62 9.04
N TYR A 258 -24.11 8.75 7.87
CA TYR A 258 -23.42 9.34 6.72
C TYR A 258 -23.11 10.81 6.96
N SER A 259 -24.05 11.53 7.56
CA SER A 259 -23.83 12.93 7.89
C SER A 259 -22.72 13.12 8.93
N LYS A 260 -22.54 12.13 9.80
CA LYS A 260 -21.46 12.21 10.79
C LYS A 260 -20.12 11.75 10.22
N HIS A 261 -20.15 11.28 8.95
CA HIS A 261 -18.95 10.82 8.23
C HIS A 261 -18.27 11.99 7.51
N LYS A 262 -16.94 11.91 7.38
CA LYS A 262 -16.15 12.98 6.74
C LYS A 262 -16.44 13.13 5.24
N PHE A 263 -16.43 12.00 4.54
CA PHE A 263 -16.61 12.01 3.09
C PHE A 263 -18.09 11.88 2.71
N ALA A 264 -18.82 11.04 3.45
CA ALA A 264 -20.22 10.76 3.12
C ALA A 264 -21.14 11.96 3.36
N SER A 265 -20.72 12.88 4.23
CA SER A 265 -21.58 14.03 4.57
C SER A 265 -21.86 14.88 3.35
N ASN A 266 -20.88 14.96 2.46
CA ASN A 266 -21.02 15.75 1.25
C ASN A 266 -22.01 15.10 0.31
N VAL A 267 -22.15 13.78 0.44
CA VAL A 267 -23.08 13.05 -0.41
C VAL A 267 -24.50 13.32 0.05
N VAL A 268 -24.68 13.44 1.36
CA VAL A 268 -26.00 13.73 1.91
C VAL A 268 -26.42 15.12 1.47
N GLU A 269 -25.48 16.06 1.52
CA GLU A 269 -25.77 17.43 1.11
C GLU A 269 -26.24 17.49 -0.34
N LYS A 270 -25.56 16.75 -1.20
CA LYS A 270 -25.89 16.77 -2.61
C LYS A 270 -27.18 16.03 -2.86
N SER A 271 -27.52 15.13 -1.95
CA SER A 271 -28.72 14.34 -2.12
C SER A 271 -29.94 15.21 -1.86
N ILE A 272 -29.88 16.04 -0.83
CA ILE A 272 -31.03 16.88 -0.48
C ILE A 272 -31.06 18.16 -1.30
N LEU A 273 -30.02 18.34 -2.12
CA LEU A 273 -29.91 19.52 -2.95
C LEU A 273 -30.40 19.25 -4.36
N TYR A 274 -29.99 18.13 -4.93
CA TYR A 274 -30.34 17.80 -6.31
C TYR A 274 -31.38 16.69 -6.45
N GLY A 275 -31.89 16.19 -5.33
CA GLY A 275 -32.91 15.17 -5.37
C GLY A 275 -34.30 15.75 -5.62
N SER A 276 -35.14 14.96 -6.28
CA SER A 276 -36.53 15.35 -6.57
C SER A 276 -37.41 15.54 -5.33
N LYS A 277 -38.63 16.01 -5.55
CA LYS A 277 -39.55 16.33 -4.46
C LYS A 277 -39.75 15.12 -3.55
N ASN A 278 -39.98 13.96 -4.14
CA ASN A 278 -40.18 12.73 -3.39
C ASN A 278 -38.88 12.23 -2.75
N GLN A 279 -37.80 12.29 -3.51
CA GLN A 279 -36.50 11.83 -3.02
C GLN A 279 -35.99 12.66 -1.85
N LYS A 280 -36.24 13.96 -1.89
CA LYS A 280 -35.77 14.88 -0.86
C LYS A 280 -36.52 14.65 0.44
N ASP A 281 -37.83 14.46 0.34
CA ASP A 281 -38.67 14.28 1.52
C ASP A 281 -38.36 12.94 2.24
N LEU A 282 -37.89 11.96 1.47
CA LEU A 282 -37.57 10.63 2.00
C LEU A 282 -36.38 10.65 2.96
N ILE A 283 -35.43 11.53 2.68
CA ILE A 283 -34.24 11.65 3.50
C ILE A 283 -34.55 12.47 4.75
N ILE A 284 -35.35 13.52 4.59
CA ILE A 284 -35.61 14.45 5.69
C ILE A 284 -36.51 13.81 6.72
N SER A 285 -37.40 12.94 6.23
CA SER A 285 -38.37 12.27 7.08
C SER A 285 -37.69 11.45 8.17
N LYS A 286 -36.46 11.04 7.91
CA LYS A 286 -35.71 10.25 8.88
C LYS A 286 -35.16 11.12 9.99
N ILE A 287 -35.11 12.43 9.74
CA ILE A 287 -34.55 13.37 10.71
C ILE A 287 -35.64 14.23 11.34
N LEU A 288 -36.66 14.54 10.57
CA LEU A 288 -37.75 15.41 11.00
C LEU A 288 -38.36 14.99 12.33
N PRO A 289 -38.56 15.97 13.23
CA PRO A 289 -39.34 15.73 14.46
C PRO A 289 -40.80 15.42 14.12
N ARG A 290 -41.43 14.55 14.91
CA ARG A 290 -42.78 14.08 14.61
C ARG A 290 -43.84 15.19 14.63
N ASP A 291 -43.72 16.11 15.59
CA ASP A 291 -44.66 17.23 15.69
C ASP A 291 -43.99 18.48 16.28
N LYS A 292 -44.82 19.43 16.70
CA LYS A 292 -44.32 20.67 17.28
C LYS A 292 -43.71 20.47 18.66
N ASN A 293 -44.26 19.52 19.42
CA ASN A 293 -43.78 19.23 20.78
C ASN A 293 -42.43 18.53 20.83
N HIS A 294 -42.22 17.59 19.90
CA HIS A 294 -40.97 16.84 19.83
C HIS A 294 -39.81 17.79 19.51
N ALA A 295 -40.08 18.76 18.65
CA ALA A 295 -39.07 19.72 18.22
C ALA A 295 -38.66 20.64 19.37
N LEU A 296 -39.63 21.00 20.20
CA LEU A 296 -39.38 21.88 21.35
C LEU A 296 -38.57 21.17 22.44
N ASN A 297 -38.86 19.89 22.66
CA ASN A 297 -38.14 19.08 23.66
C ASN A 297 -37.52 17.82 23.05
N LEU A 298 -36.38 17.99 22.37
CA LEU A 298 -35.66 16.88 21.75
C LEU A 298 -34.69 16.25 22.72
N GLU A 299 -34.61 14.92 22.69
CA GLU A 299 -33.67 14.19 23.53
C GLU A 299 -32.28 14.30 22.91
N ASP A 300 -31.25 14.02 23.70
CA ASP A 300 -29.88 14.14 23.23
C ASP A 300 -29.50 13.02 22.25
N ASP A 301 -30.37 12.01 22.12
CA ASP A 301 -30.11 10.87 21.24
C ASP A 301 -30.99 10.86 20.00
N SER A 302 -31.73 11.93 19.77
CA SER A 302 -32.56 12.06 18.58
C SER A 302 -31.69 12.40 17.37
N PRO A 303 -32.13 12.02 16.16
CA PRO A 303 -31.40 12.30 14.92
C PRO A 303 -30.95 13.75 14.80
N MET A 304 -31.83 14.70 15.10
CA MET A 304 -31.50 16.12 15.01
C MET A 304 -30.35 16.52 15.93
N ILE A 305 -30.48 16.20 17.21
CA ILE A 305 -29.48 16.57 18.21
C ILE A 305 -28.15 15.87 18.02
N LEU A 306 -28.17 14.66 17.47
CA LEU A 306 -26.94 13.92 17.20
C LEU A 306 -26.20 14.54 16.02
N MET A 307 -26.95 15.23 15.18
CA MET A 307 -26.39 15.85 13.97
C MET A 307 -25.89 17.25 14.24
N ILE A 308 -26.64 18.01 15.04
CA ILE A 308 -26.26 19.38 15.36
C ILE A 308 -24.97 19.43 16.16
N LYS A 309 -24.78 18.45 17.04
CA LYS A 309 -23.60 18.40 17.88
C LYS A 309 -22.35 17.96 17.10
N ASP A 310 -22.56 17.28 15.96
CA ASP A 310 -21.45 16.70 15.20
C ASP A 310 -20.74 17.70 14.31
N GLN A 311 -19.46 17.43 14.03
CA GLN A 311 -18.60 18.35 13.28
C GLN A 311 -18.89 18.37 11.79
N PHE A 312 -19.38 17.26 11.26
CA PHE A 312 -19.67 17.17 9.83
C PHE A 312 -21.17 17.32 9.61
N ALA A 313 -21.96 16.80 10.53
CA ALA A 313 -23.39 16.75 10.33
C ALA A 313 -24.09 18.10 10.48
N ASN A 314 -23.43 19.05 11.14
CA ASN A 314 -24.03 20.38 11.30
C ASN A 314 -24.20 21.09 9.96
N TYR A 315 -23.37 20.75 8.98
CA TYR A 315 -23.44 21.36 7.66
C TYR A 315 -24.67 20.83 6.93
N VAL A 316 -24.99 19.58 7.21
CA VAL A 316 -26.16 18.97 6.62
C VAL A 316 -27.42 19.61 7.21
N ILE A 317 -27.38 19.88 8.50
CA ILE A 317 -28.48 20.59 9.17
C ILE A 317 -28.63 21.99 8.55
N GLN A 318 -27.50 22.67 8.38
CA GLN A 318 -27.51 23.98 7.71
C GLN A 318 -28.07 23.88 6.31
N LYS A 319 -27.77 22.77 5.64
CA LYS A 319 -28.17 22.61 4.25
C LYS A 319 -29.66 22.30 4.17
N LEU A 320 -30.17 21.72 5.26
CA LEU A 320 -31.57 21.34 5.33
C LEU A 320 -32.46 22.56 5.42
N VAL A 321 -32.03 23.52 6.24
CA VAL A 321 -32.78 24.75 6.43
C VAL A 321 -33.10 25.42 5.10
N ASN A 322 -32.13 25.43 4.20
CA ASN A 322 -32.28 26.10 2.90
C ASN A 322 -33.24 25.40 1.94
N VAL A 323 -33.15 24.09 1.87
CA VAL A 323 -33.90 23.34 0.85
C VAL A 323 -35.25 22.79 1.35
N SER A 324 -35.58 23.04 2.61
CA SER A 324 -36.78 22.46 3.24
C SER A 324 -38.10 23.11 2.83
N GLU A 325 -39.13 22.27 2.72
CA GLU A 325 -40.48 22.72 2.41
C GLU A 325 -41.15 23.39 3.61
N GLY A 326 -42.05 24.32 3.34
CA GLY A 326 -42.68 25.16 4.37
C GLY A 326 -43.08 24.44 5.64
N GLU A 327 -43.67 23.26 5.49
CA GLU A 327 -44.09 22.45 6.63
C GLU A 327 -42.91 21.80 7.34
N GLY A 328 -41.96 21.28 6.57
CA GLY A 328 -40.79 20.62 7.13
C GLY A 328 -39.82 21.62 7.73
N LYS A 329 -39.69 22.75 7.05
CA LYS A 329 -38.80 23.81 7.49
C LYS A 329 -39.27 24.35 8.84
N LYS A 330 -40.58 24.42 9.00
CA LYS A 330 -41.19 24.94 10.22
C LYS A 330 -40.78 24.11 11.43
N LEU A 331 -40.65 22.81 11.24
CA LEU A 331 -40.31 21.91 12.34
C LEU A 331 -38.81 21.92 12.65
N ILE A 332 -37.99 22.11 11.62
CA ILE A 332 -36.55 22.07 11.78
C ILE A 332 -36.03 23.34 12.43
N VAL A 333 -36.54 24.48 11.96
CA VAL A 333 -36.11 25.78 12.46
C VAL A 333 -36.31 25.90 13.97
N ILE A 334 -37.49 25.50 14.45
CA ILE A 334 -37.83 25.63 15.85
C ILE A 334 -37.05 24.63 16.70
N ALA A 335 -36.60 23.56 16.06
CA ALA A 335 -35.83 22.51 16.74
C ALA A 335 -34.42 22.98 17.04
N ILE A 336 -33.89 23.79 16.13
CA ILE A 336 -32.55 24.35 16.30
C ILE A 336 -32.59 25.45 17.34
N ARG A 337 -33.65 26.26 17.29
CA ARG A 337 -33.85 27.34 18.25
C ARG A 337 -33.88 26.80 19.68
N ALA A 338 -34.46 25.61 19.85
CA ALA A 338 -34.61 25.01 21.15
C ALA A 338 -33.26 24.53 21.70
N TYR A 339 -32.35 24.16 20.81
CA TYR A 339 -31.04 23.68 21.21
C TYR A 339 -30.16 24.81 21.72
N LEU A 340 -30.35 26.00 21.15
CA LEU A 340 -29.55 27.15 21.52
C LEU A 340 -29.83 27.58 22.94
N ASP A 341 -31.08 27.39 23.37
CA ASP A 341 -31.52 27.84 24.68
C ASP A 341 -30.97 26.99 25.82
N LYS A 342 -30.84 25.68 25.59
CA LYS A 342 -30.38 24.74 26.62
C LYS A 342 -28.90 24.97 26.96
N LEU A 343 -28.10 25.26 25.94
CA LEU A 343 -26.66 25.48 26.10
C LEU A 343 -26.31 26.97 26.04
N LEU A 354 -18.46 27.32 19.71
CA LEU A 354 -17.94 26.75 18.49
C LEU A 354 -18.52 27.45 17.27
N ALA A 355 -17.83 27.34 16.14
CA ALA A 355 -18.22 28.01 14.90
C ALA A 355 -19.44 27.35 14.26
N SER A 356 -19.67 26.08 14.58
CA SER A 356 -20.81 25.34 14.05
C SER A 356 -22.12 25.84 14.64
N VAL A 357 -22.09 26.20 15.91
CA VAL A 357 -23.27 26.69 16.59
C VAL A 357 -23.47 28.18 16.29
N GLU A 358 -22.38 28.86 15.95
CA GLU A 358 -22.45 30.26 15.61
C GLU A 358 -23.16 30.46 14.28
N LYS A 359 -22.92 29.55 13.34
CA LYS A 359 -23.47 29.65 12.00
C LYS A 359 -24.95 29.27 11.99
N LEU A 360 -25.33 28.36 12.86
CA LEU A 360 -26.73 27.96 13.00
C LEU A 360 -27.51 29.06 13.73
N ALA A 361 -26.86 29.64 14.75
CA ALA A 361 -27.49 30.70 15.53
C ALA A 361 -27.99 31.81 14.62
N ALA A 362 -27.06 32.46 13.94
CA ALA A 362 -27.37 33.65 13.15
C ALA A 362 -28.35 33.37 12.01
N LEU A 363 -28.12 32.29 11.28
CA LEU A 363 -28.95 31.98 10.11
C LEU A 363 -30.37 31.62 10.50
N VAL A 364 -30.59 31.35 11.78
CA VAL A 364 -31.94 31.15 12.31
C VAL A 364 -32.59 32.51 12.59
N GLU A 365 -31.86 33.35 13.32
CA GLU A 365 -32.32 34.69 13.66
C GLU A 365 -32.61 35.51 12.41
N SER C 5 21.86 -32.08 27.58
CA SER C 5 22.89 -33.03 27.15
C SER C 5 24.20 -32.81 27.89
N PRO C 6 24.86 -33.93 28.29
CA PRO C 6 26.08 -33.94 29.10
C PRO C 6 27.24 -33.12 28.53
N LEU C 7 27.54 -33.29 27.24
CA LEU C 7 28.70 -32.61 26.62
C LEU C 7 28.53 -31.09 26.55
N LEU C 8 27.28 -30.64 26.37
CA LEU C 8 26.96 -29.22 26.32
C LEU C 8 27.12 -28.57 27.69
N GLU C 9 26.80 -29.34 28.72
CA GLU C 9 26.93 -28.89 30.09
C GLU C 9 28.40 -28.82 30.50
N GLN C 10 29.22 -29.67 29.88
CA GLN C 10 30.64 -29.71 30.18
C GLN C 10 31.37 -28.50 29.56
N LEU C 11 30.77 -27.95 28.52
CA LEU C 11 31.35 -26.84 27.78
C LEU C 11 31.13 -25.50 28.47
N ARG C 12 29.88 -25.27 28.87
CA ARG C 12 29.48 -23.97 29.41
C ARG C 12 30.03 -23.75 30.82
N ASN C 13 30.16 -24.84 31.58
CA ASN C 13 30.60 -24.75 32.98
C ASN C 13 32.11 -24.93 33.14
N SER C 14 32.84 -24.79 32.03
CA SER C 14 34.30 -24.92 32.05
C SER C 14 34.96 -24.01 31.01
N ASN C 23 39.46 -27.27 28.71
CA ASN C 23 38.66 -26.98 27.53
C ASN C 23 38.60 -28.16 26.57
N MET C 24 37.48 -28.29 25.84
CA MET C 24 37.30 -29.39 24.88
C MET C 24 37.78 -29.08 23.46
N SER C 25 37.79 -30.11 22.61
CA SER C 25 38.08 -29.94 21.18
C SER C 25 37.13 -30.79 20.34
N LEU C 26 37.26 -30.70 19.02
CA LEU C 26 36.33 -31.35 18.10
C LEU C 26 36.38 -32.89 18.17
N LYS C 27 37.42 -33.42 18.78
CA LYS C 27 37.57 -34.86 18.86
C LYS C 27 36.66 -35.38 19.96
N ASP C 28 36.34 -34.50 20.91
CA ASP C 28 35.53 -34.85 22.08
C ASP C 28 34.03 -34.90 21.80
N ILE C 29 33.63 -34.35 20.66
CA ILE C 29 32.21 -34.23 20.36
C ILE C 29 31.81 -35.03 19.13
N PHE C 30 32.33 -36.24 19.00
CA PHE C 30 32.09 -37.01 17.79
C PHE C 30 30.67 -37.53 17.73
N GLY C 31 30.03 -37.65 18.88
CA GLY C 31 28.70 -38.24 18.94
C GLY C 31 27.62 -37.22 18.66
N HIS C 32 27.88 -35.99 19.06
CA HIS C 32 26.83 -34.98 19.08
C HIS C 32 27.25 -33.66 18.42
N SER C 33 27.67 -33.75 17.15
CA SER C 33 28.09 -32.56 16.41
C SER C 33 26.87 -31.76 15.97
N LEU C 34 25.89 -32.48 15.41
CA LEU C 34 24.67 -31.88 14.89
C LEU C 34 23.94 -31.21 16.05
N GLU C 35 24.04 -31.81 17.23
CA GLU C 35 23.43 -31.25 18.43
C GLU C 35 24.17 -29.99 18.86
N PHE C 36 25.47 -29.95 18.59
CA PHE C 36 26.28 -28.80 18.99
C PHE C 36 26.08 -27.59 18.10
N CYS C 37 25.86 -27.85 16.82
CA CYS C 37 25.65 -26.80 15.83
C CYS C 37 24.37 -26.03 16.07
N LYS C 38 23.30 -26.75 16.42
CA LYS C 38 21.98 -26.15 16.61
C LYS C 38 21.88 -25.32 17.88
N ASP C 39 22.74 -25.61 18.85
CA ASP C 39 22.83 -24.83 20.08
C ASP C 39 23.70 -23.61 19.81
N GLN C 40 23.42 -22.51 20.51
CA GLN C 40 24.16 -21.27 20.29
C GLN C 40 25.60 -21.37 20.75
N HIS C 41 25.80 -21.69 22.02
CA HIS C 41 27.14 -21.74 22.59
C HIS C 41 27.98 -22.85 21.95
N GLY C 42 27.31 -23.95 21.58
CA GLY C 42 27.97 -25.09 20.95
C GLY C 42 28.42 -24.76 19.55
N SER C 43 27.68 -23.88 18.88
CA SER C 43 28.03 -23.43 17.54
C SER C 43 29.23 -22.49 17.55
N ARG C 44 29.20 -21.47 18.40
CA ARG C 44 30.31 -20.52 18.47
C ARG C 44 31.60 -21.27 18.73
N PHE C 45 31.50 -22.36 19.48
CA PHE C 45 32.66 -23.18 19.82
C PHE C 45 33.21 -23.82 18.57
N ILE C 46 32.32 -24.35 17.74
CA ILE C 46 32.73 -25.02 16.53
C ILE C 46 33.26 -24.02 15.52
N GLN C 47 32.65 -22.84 15.44
CA GLN C 47 33.17 -21.82 14.54
C GLN C 47 34.61 -21.49 14.94
N ARG C 48 34.83 -21.36 16.25
CA ARG C 48 36.13 -21.00 16.79
C ARG C 48 37.17 -22.06 16.41
N GLU C 49 36.80 -23.33 16.57
CA GLU C 49 37.74 -24.42 16.35
C GLU C 49 38.04 -24.66 14.88
N LEU C 50 37.03 -24.54 14.03
CA LEU C 50 37.23 -24.85 12.63
C LEU C 50 38.29 -23.94 12.01
N ALA C 51 38.51 -22.79 12.63
CA ALA C 51 39.47 -21.85 12.08
C ALA C 51 40.89 -22.29 12.35
N THR C 52 41.08 -23.04 13.44
CA THR C 52 42.42 -23.41 13.90
C THR C 52 42.69 -24.92 13.83
N SER C 53 41.64 -25.73 13.86
CA SER C 53 41.76 -27.20 13.83
C SER C 53 42.38 -27.77 12.55
N PRO C 54 43.13 -28.88 12.67
CA PRO C 54 43.75 -29.55 11.53
C PRO C 54 42.72 -30.20 10.62
N ALA C 55 43.17 -30.64 9.45
CA ALA C 55 42.29 -31.26 8.46
C ALA C 55 41.52 -32.47 9.00
N SER C 56 42.16 -33.27 9.83
CA SER C 56 41.52 -34.48 10.34
C SER C 56 40.32 -34.19 11.23
N GLU C 57 40.50 -33.26 12.16
CA GLU C 57 39.42 -32.87 13.05
C GLU C 57 38.27 -32.20 12.30
N LYS C 58 38.59 -31.49 11.21
CA LYS C 58 37.57 -30.84 10.39
C LYS C 58 36.79 -31.86 9.59
N GLU C 59 37.47 -32.89 9.10
CA GLU C 59 36.81 -33.94 8.33
C GLU C 59 35.83 -34.74 9.18
N VAL C 60 36.21 -34.96 10.43
CA VAL C 60 35.38 -35.74 11.35
C VAL C 60 34.04 -35.06 11.61
N ILE C 61 34.07 -33.74 11.82
CA ILE C 61 32.85 -32.99 12.03
C ILE C 61 32.06 -32.98 10.73
N PHE C 62 32.74 -32.71 9.64
CA PHE C 62 32.06 -32.59 8.35
C PHE C 62 31.34 -33.87 7.93
N ASN C 63 32.07 -34.98 7.95
CA ASN C 63 31.50 -36.24 7.49
C ASN C 63 30.34 -36.66 8.35
N GLU C 64 30.23 -36.05 9.53
CA GLU C 64 29.15 -36.39 10.44
C GLU C 64 27.88 -35.58 10.15
N ILE C 65 28.04 -34.27 9.98
CA ILE C 65 26.90 -33.40 9.71
C ILE C 65 26.66 -33.11 8.23
N ARG C 66 27.34 -33.81 7.32
CA ARG C 66 27.19 -33.53 5.89
C ARG C 66 25.78 -33.83 5.39
N ASP C 67 25.10 -34.78 6.02
CA ASP C 67 23.78 -35.17 5.56
C ASP C 67 22.72 -34.14 5.96
N ASP C 68 22.99 -33.40 7.03
CA ASP C 68 22.03 -32.42 7.52
C ASP C 68 22.50 -30.99 7.26
N ALA C 69 23.11 -30.78 6.10
CA ALA C 69 23.68 -29.49 5.76
C ALA C 69 22.59 -28.50 5.37
N ILE C 70 21.55 -28.99 4.68
CA ILE C 70 20.45 -28.13 4.28
C ILE C 70 19.65 -27.66 5.50
N GLU C 71 19.39 -28.56 6.43
CA GLU C 71 18.66 -28.21 7.66
C GLU C 71 19.41 -27.21 8.52
N LEU C 72 20.73 -27.37 8.58
CA LEU C 72 21.61 -26.52 9.37
C LEU C 72 21.76 -25.15 8.71
N SER C 73 21.76 -25.12 7.39
CA SER C 73 21.83 -23.85 6.66
C SER C 73 20.68 -22.95 7.09
N ASN C 74 19.51 -23.56 7.26
CA ASN C 74 18.26 -22.87 7.61
C ASN C 74 18.24 -22.49 9.10
N ASP C 75 19.14 -23.10 9.87
CA ASP C 75 19.15 -22.98 11.33
C ASP C 75 19.68 -21.65 11.82
N VAL C 76 19.12 -21.19 12.94
CA VAL C 76 19.47 -19.90 13.50
C VAL C 76 20.94 -19.81 13.93
N PHE C 77 21.47 -20.90 14.49
CA PHE C 77 22.88 -20.93 14.93
C PHE C 77 23.74 -21.87 14.08
N GLY C 78 23.09 -22.83 13.42
CA GLY C 78 23.82 -23.78 12.60
C GLY C 78 24.34 -23.22 11.29
N ASN C 79 23.75 -22.11 10.84
CA ASN C 79 24.13 -21.57 9.54
C ASN C 79 25.57 -21.08 9.55
N TYR C 80 26.04 -20.60 10.70
CA TYR C 80 27.40 -20.12 10.81
C TYR C 80 28.44 -21.23 10.59
N VAL C 81 28.11 -22.44 11.03
CA VAL C 81 29.03 -23.58 10.92
C VAL C 81 29.18 -24.05 9.49
N ILE C 82 28.11 -23.97 8.71
CA ILE C 82 28.19 -24.33 7.30
C ILE C 82 28.98 -23.27 6.56
N GLN C 83 28.80 -22.01 6.98
CA GLN C 83 29.57 -20.91 6.40
C GLN C 83 31.06 -21.17 6.61
N LYS C 84 31.42 -21.65 7.80
CA LYS C 84 32.84 -21.86 8.13
C LYS C 84 33.44 -23.00 7.32
N PHE C 85 32.62 -23.87 6.76
CA PHE C 85 33.14 -24.96 5.94
C PHE C 85 33.41 -24.52 4.52
N PHE C 86 32.95 -23.32 4.19
CA PHE C 86 33.27 -22.69 2.92
C PHE C 86 34.53 -21.85 3.10
N GLU C 87 34.66 -21.24 4.27
CA GLU C 87 35.77 -20.35 4.58
C GLU C 87 37.03 -21.13 4.95
N PHE C 88 36.87 -22.24 5.65
CA PHE C 88 38.03 -23.01 6.13
C PHE C 88 38.06 -24.44 5.62
N GLY C 89 36.99 -24.87 4.96
CA GLY C 89 36.91 -26.24 4.48
C GLY C 89 37.77 -26.54 3.27
N SER C 90 37.83 -27.83 2.92
CA SER C 90 38.64 -28.29 1.80
C SER C 90 37.85 -28.21 0.50
N LYS C 91 38.57 -28.38 -0.61
CA LYS C 91 37.95 -28.34 -1.93
C LYS C 91 36.88 -29.42 -2.06
N ILE C 92 37.16 -30.59 -1.51
CA ILE C 92 36.23 -31.70 -1.67
C ILE C 92 34.98 -31.43 -0.84
N GLN C 93 35.17 -30.79 0.32
CA GLN C 93 34.06 -30.52 1.22
C GLN C 93 33.16 -29.41 0.66
N LYS C 94 33.78 -28.39 0.06
CA LYS C 94 33.03 -27.31 -0.55
C LYS C 94 32.22 -27.83 -1.72
N ASN C 95 32.77 -28.78 -2.47
CA ASN C 95 32.04 -29.37 -3.60
C ASN C 95 30.86 -30.21 -3.16
N THR C 96 30.97 -30.81 -1.99
CA THR C 96 29.91 -31.66 -1.47
C THR C 96 28.73 -30.82 -1.06
N LEU C 97 28.99 -29.68 -0.42
CA LEU C 97 27.90 -28.80 -0.02
C LEU C 97 27.25 -28.21 -1.26
N VAL C 98 28.04 -27.89 -2.27
CA VAL C 98 27.48 -27.28 -3.47
C VAL C 98 26.54 -28.27 -4.14
N ASP C 99 26.94 -29.53 -4.18
CA ASP C 99 26.14 -30.54 -4.84
C ASP C 99 24.80 -30.73 -4.16
N GLN C 100 24.73 -30.36 -2.88
CA GLN C 100 23.48 -30.44 -2.11
C GLN C 100 22.59 -29.23 -2.34
N PHE C 101 23.21 -28.11 -2.67
CA PHE C 101 22.48 -26.88 -2.95
C PHE C 101 21.83 -26.91 -4.33
N LYS C 102 22.35 -27.72 -5.24
CA LYS C 102 21.81 -27.76 -6.60
C LYS C 102 20.36 -28.21 -6.62
N GLY C 103 19.51 -27.37 -7.18
CA GLY C 103 18.09 -27.66 -7.28
C GLY C 103 17.37 -27.08 -6.10
N ASN C 104 18.11 -26.39 -5.25
CA ASN C 104 17.53 -25.83 -4.03
C ASN C 104 17.89 -24.36 -3.86
N MET C 105 18.46 -23.76 -4.90
CA MET C 105 18.91 -22.38 -4.83
C MET C 105 17.77 -21.40 -4.62
N LYS C 106 16.63 -21.66 -5.24
CA LYS C 106 15.54 -20.73 -5.09
C LYS C 106 15.07 -20.78 -3.66
N GLN C 107 14.94 -22.00 -3.11
CA GLN C 107 14.39 -22.14 -1.77
C GLN C 107 15.31 -21.54 -0.72
N LEU C 108 16.61 -21.77 -0.87
CA LEU C 108 17.59 -21.38 0.14
C LEU C 108 17.80 -19.89 0.17
N SER C 109 17.68 -19.27 -0.99
CA SER C 109 17.89 -17.84 -1.10
C SER C 109 16.77 -17.05 -0.44
N LEU C 110 15.62 -17.68 -0.28
CA LEU C 110 14.48 -17.00 0.30
C LEU C 110 14.45 -17.14 1.82
N GLN C 111 15.12 -18.19 2.33
CA GLN C 111 15.13 -18.54 3.75
C GLN C 111 15.96 -17.53 4.53
N MET C 112 15.50 -17.21 5.74
CA MET C 112 16.09 -16.11 6.51
C MET C 112 17.57 -16.30 6.79
N TYR C 113 17.95 -17.52 7.17
CA TYR C 113 19.32 -17.83 7.55
C TYR C 113 20.11 -18.51 6.42
N ALA C 114 19.45 -19.29 5.58
CA ALA C 114 20.14 -20.00 4.53
C ALA C 114 20.67 -19.05 3.47
N CYS C 115 20.04 -17.89 3.30
CA CYS C 115 20.54 -16.98 2.27
C CYS C 115 21.92 -16.45 2.61
N ARG C 116 22.22 -16.41 3.92
CA ARG C 116 23.53 -15.98 4.41
C ARG C 116 24.60 -17.01 4.04
N VAL C 117 24.21 -18.28 4.08
CA VAL C 117 25.09 -19.35 3.65
C VAL C 117 25.33 -19.21 2.15
N ILE C 118 24.26 -19.03 1.37
CA ILE C 118 24.41 -18.92 -0.08
C ILE C 118 25.32 -17.77 -0.47
N GLN C 119 25.18 -16.64 0.24
CA GLN C 119 26.01 -15.48 0.01
C GLN C 119 27.47 -15.75 0.37
N LYS C 120 27.68 -16.53 1.44
CA LYS C 120 29.04 -16.82 1.86
C LYS C 120 29.65 -17.81 0.89
N ALA C 121 28.80 -18.63 0.30
CA ALA C 121 29.27 -19.70 -0.55
C ALA C 121 29.80 -19.10 -1.82
N LEU C 122 29.02 -18.18 -2.39
CA LEU C 122 29.42 -17.50 -3.62
C LEU C 122 30.79 -16.80 -3.51
N GLU C 123 31.14 -16.37 -2.31
CA GLU C 123 32.42 -15.72 -2.10
C GLU C 123 33.61 -16.69 -2.19
N TYR C 124 33.37 -17.97 -1.91
CA TYR C 124 34.48 -18.92 -1.72
C TYR C 124 34.60 -20.03 -2.78
N ILE C 125 33.49 -20.44 -3.36
CA ILE C 125 33.50 -21.49 -4.40
C ILE C 125 34.04 -20.94 -5.71
N ASP C 126 34.21 -21.81 -6.70
CA ASP C 126 34.88 -21.39 -7.94
C ASP C 126 33.92 -20.75 -8.94
N SER C 127 34.48 -20.01 -9.90
CA SER C 127 33.67 -19.18 -10.79
C SER C 127 32.62 -19.98 -11.52
N ASN C 128 32.94 -21.23 -11.84
CA ASN C 128 32.00 -22.08 -12.59
C ASN C 128 30.84 -22.59 -11.75
N GLN C 129 31.10 -22.77 -10.46
CA GLN C 129 30.06 -23.20 -9.53
C GLN C 129 29.16 -22.02 -9.16
N ARG C 130 29.71 -20.81 -9.11
CA ARG C 130 28.89 -19.65 -8.78
C ARG C 130 27.76 -19.47 -9.80
N ILE C 131 28.11 -19.47 -11.09
CA ILE C 131 27.12 -19.21 -12.14
C ILE C 131 26.13 -20.38 -12.25
N GLU C 132 26.64 -21.58 -12.08
CA GLU C 132 25.83 -22.79 -12.12
C GLU C 132 24.67 -22.77 -11.11
N LEU C 133 24.93 -22.26 -9.91
CA LEU C 133 23.90 -22.12 -8.89
C LEU C 133 23.00 -20.93 -9.18
N VAL C 134 23.59 -19.84 -9.66
CA VAL C 134 22.82 -18.61 -9.89
C VAL C 134 21.88 -18.72 -11.09
N LEU C 135 22.22 -19.56 -12.06
CA LEU C 135 21.34 -19.79 -13.20
C LEU C 135 19.99 -20.38 -12.80
N GLU C 136 19.88 -20.83 -11.56
CA GLU C 136 18.64 -21.42 -11.07
C GLU C 136 17.64 -20.32 -10.72
N LEU C 137 18.14 -19.10 -10.65
CA LEU C 137 17.30 -17.94 -10.37
C LEU C 137 17.04 -17.13 -11.63
N SER C 138 17.28 -17.71 -12.81
CA SER C 138 17.14 -16.94 -14.04
C SER C 138 15.68 -16.55 -14.34
N ASP C 139 14.74 -17.32 -13.80
CA ASP C 139 13.32 -17.09 -14.09
C ASP C 139 12.60 -16.46 -12.92
N SER C 140 13.35 -16.15 -11.87
CA SER C 140 12.77 -15.56 -10.69
C SER C 140 13.53 -14.31 -10.22
N VAL C 141 14.08 -13.56 -11.18
CA VAL C 141 14.90 -12.38 -10.88
C VAL C 141 14.13 -11.29 -10.15
N LEU C 142 12.94 -10.97 -10.67
CA LEU C 142 12.08 -9.96 -10.06
C LEU C 142 11.56 -10.40 -8.69
N GLN C 143 11.29 -11.70 -8.56
CA GLN C 143 10.82 -12.24 -7.30
C GLN C 143 11.88 -12.04 -6.22
N MET C 144 13.14 -12.29 -6.61
CA MET C 144 14.27 -12.33 -5.70
C MET C 144 14.67 -10.95 -5.22
N ILE C 145 14.65 -10.00 -6.15
CA ILE C 145 14.93 -8.62 -5.85
C ILE C 145 13.92 -8.02 -4.87
N LYS C 146 12.66 -8.40 -5.00
CA LYS C 146 11.61 -7.85 -4.16
C LYS C 146 11.61 -8.51 -2.78
N ASP C 147 12.29 -9.64 -2.66
CA ASP C 147 12.35 -10.39 -1.40
C ASP C 147 13.35 -9.78 -0.41
N GLN C 148 13.02 -9.84 0.87
CA GLN C 148 13.86 -9.25 1.91
C GLN C 148 15.22 -9.94 2.01
N ASN C 149 15.25 -11.21 1.66
CA ASN C 149 16.45 -12.03 1.78
C ASN C 149 17.07 -12.25 0.41
N GLY C 150 16.23 -12.50 -0.59
CA GLY C 150 16.70 -12.84 -1.91
C GLY C 150 17.43 -11.72 -2.63
N ASN C 151 17.19 -10.47 -2.25
CA ASN C 151 17.85 -9.37 -2.95
C ASN C 151 19.34 -9.34 -2.65
N HIS C 152 19.70 -9.83 -1.47
CA HIS C 152 21.10 -9.81 -1.04
C HIS C 152 21.87 -10.90 -1.78
N VAL C 153 21.14 -11.90 -2.23
CA VAL C 153 21.73 -12.99 -3.00
C VAL C 153 21.99 -12.53 -4.42
N ILE C 154 21.03 -11.80 -4.96
CA ILE C 154 21.19 -11.15 -6.25
C ILE C 154 22.36 -10.17 -6.19
N GLN C 155 22.36 -9.27 -5.20
CA GLN C 155 23.44 -8.31 -5.05
C GLN C 155 24.78 -9.02 -5.04
N LYS C 156 24.83 -10.16 -4.35
CA LYS C 156 26.09 -10.88 -4.21
C LYS C 156 26.49 -11.53 -5.51
N ALA C 157 25.50 -11.97 -6.27
CA ALA C 157 25.79 -12.62 -7.56
C ALA C 157 26.37 -11.62 -8.53
N ILE C 158 25.89 -10.37 -8.46
CA ILE C 158 26.40 -9.33 -9.33
C ILE C 158 27.83 -8.98 -8.95
N GLU C 159 28.12 -9.04 -7.66
CA GLU C 159 29.42 -8.65 -7.12
C GLU C 159 30.47 -9.72 -7.38
N THR C 160 30.04 -10.96 -7.49
CA THR C 160 30.96 -12.09 -7.59
C THR C 160 31.10 -12.62 -9.01
N ILE C 161 30.02 -12.53 -9.79
CA ILE C 161 30.03 -13.03 -11.17
C ILE C 161 30.03 -11.88 -12.18
N PRO C 162 30.83 -12.02 -13.25
CA PRO C 162 30.92 -11.02 -14.31
C PRO C 162 29.60 -10.82 -15.02
N ILE C 163 29.24 -9.57 -15.28
CA ILE C 163 27.95 -9.25 -15.87
C ILE C 163 27.71 -9.98 -17.21
N GLU C 164 28.78 -10.31 -17.93
CA GLU C 164 28.61 -10.95 -19.23
C GLU C 164 28.02 -12.35 -19.08
N LYS C 165 28.11 -12.91 -17.88
CA LYS C 165 27.55 -14.23 -17.60
C LYS C 165 26.15 -14.12 -16.99
N LEU C 166 25.69 -12.89 -16.76
CA LEU C 166 24.38 -12.66 -16.15
C LEU C 166 23.47 -11.78 -17.02
N PRO C 167 23.14 -12.25 -18.23
CA PRO C 167 22.31 -11.44 -19.12
C PRO C 167 20.86 -11.48 -18.67
N PHE C 168 20.50 -12.52 -17.91
CA PHE C 168 19.11 -12.76 -17.56
C PHE C 168 18.62 -11.81 -16.47
N ILE C 169 19.56 -11.13 -15.82
CA ILE C 169 19.19 -10.21 -14.76
C ILE C 169 18.62 -8.93 -15.33
N LEU C 170 19.35 -8.30 -16.25
CA LEU C 170 18.89 -7.04 -16.82
C LEU C 170 17.75 -7.23 -17.81
N SER C 171 17.75 -8.36 -18.51
CA SER C 171 16.72 -8.62 -19.51
C SER C 171 15.36 -8.91 -18.88
N SER C 172 15.38 -9.32 -17.61
CA SER C 172 14.16 -9.59 -16.87
C SER C 172 13.71 -8.34 -16.15
N LEU C 173 14.49 -7.27 -16.28
CA LEU C 173 14.22 -6.03 -15.57
C LEU C 173 13.79 -4.89 -16.48
N THR C 174 13.79 -5.12 -17.79
CA THR C 174 13.42 -4.06 -18.73
C THR C 174 11.93 -3.72 -18.64
N GLY C 175 11.64 -2.45 -18.34
CA GLY C 175 10.28 -2.01 -18.07
C GLY C 175 9.97 -1.81 -16.60
N HIS C 176 10.80 -2.38 -15.73
CA HIS C 176 10.54 -2.29 -14.30
C HIS C 176 11.60 -1.47 -13.60
N ILE C 177 12.44 -0.82 -14.38
CA ILE C 177 13.61 -0.15 -13.80
C ILE C 177 13.26 1.09 -12.98
N TYR C 178 12.23 1.82 -13.38
CA TYR C 178 11.82 2.98 -12.59
C TYR C 178 11.12 2.56 -11.30
N HIS C 179 10.30 1.52 -11.39
CA HIS C 179 9.56 1.03 -10.22
C HIS C 179 10.51 0.48 -9.14
N LEU C 180 11.59 -0.16 -9.57
CA LEU C 180 12.57 -0.73 -8.65
C LEU C 180 13.49 0.33 -8.04
N SER C 181 13.68 1.42 -8.77
CA SER C 181 14.49 2.52 -8.25
C SER C 181 13.78 3.30 -7.14
N THR C 182 12.46 3.18 -7.07
CA THR C 182 11.70 3.76 -5.97
C THR C 182 11.33 2.71 -4.91
N HIS C 183 11.84 1.49 -5.06
CA HIS C 183 11.61 0.39 -4.12
C HIS C 183 12.75 0.26 -3.10
N SER C 184 12.45 -0.27 -1.92
CA SER C 184 13.41 -0.38 -0.82
C SER C 184 14.66 -1.18 -1.19
N TYR C 185 14.43 -2.34 -1.80
CA TYR C 185 15.51 -3.27 -2.13
C TYR C 185 15.97 -3.07 -3.57
N GLY C 186 15.04 -2.67 -4.44
CA GLY C 186 15.35 -2.48 -5.84
C GLY C 186 16.41 -1.43 -6.09
N CYS C 187 16.43 -0.39 -5.27
CA CYS C 187 17.39 0.69 -5.48
C CYS C 187 18.81 0.21 -5.20
N ARG C 188 18.94 -0.77 -4.31
CA ARG C 188 20.24 -1.34 -3.98
C ARG C 188 20.76 -2.18 -5.16
N VAL C 189 19.87 -2.97 -5.76
CA VAL C 189 20.24 -3.75 -6.94
C VAL C 189 20.57 -2.92 -8.17
N ILE C 190 19.81 -1.84 -8.40
CA ILE C 190 20.05 -0.98 -9.55
C ILE C 190 21.42 -0.35 -9.44
N GLN C 191 21.73 0.17 -8.25
CA GLN C 191 23.04 0.75 -8.00
C GLN C 191 24.15 -0.25 -8.30
N ARG C 192 23.93 -1.51 -7.92
CA ARG C 192 24.90 -2.56 -8.21
C ARG C 192 25.01 -2.86 -9.70
N LEU C 193 23.88 -2.85 -10.41
CA LEU C 193 23.92 -3.11 -11.84
C LEU C 193 24.59 -1.96 -12.59
N LEU C 194 24.54 -0.77 -12.01
CA LEU C 194 25.16 0.34 -12.69
C LEU C 194 26.67 0.30 -12.45
N GLU C 195 27.07 -0.32 -11.35
CA GLU C 195 28.47 -0.34 -10.95
C GLU C 195 29.23 -1.41 -11.69
N PHE C 196 28.65 -2.60 -11.77
CA PHE C 196 29.32 -3.73 -12.39
C PHE C 196 28.97 -3.90 -13.85
N GLY C 197 27.88 -3.25 -14.29
CA GLY C 197 27.43 -3.37 -15.66
C GLY C 197 28.31 -2.69 -16.70
N SER C 198 28.16 -3.12 -17.95
CA SER C 198 28.90 -2.56 -19.07
C SER C 198 28.30 -1.25 -19.54
N SER C 199 28.91 -0.65 -20.55
CA SER C 199 28.40 0.60 -21.10
C SER C 199 26.99 0.42 -21.66
N GLU C 200 26.71 -0.72 -22.27
CA GLU C 200 25.40 -0.95 -22.88
C GLU C 200 24.36 -1.23 -21.83
N ASP C 201 24.82 -1.73 -20.68
CA ASP C 201 23.93 -2.05 -19.57
C ASP C 201 23.52 -0.77 -18.86
N GLN C 202 24.48 0.14 -18.72
CA GLN C 202 24.24 1.40 -18.06
C GLN C 202 23.37 2.27 -18.95
N GLU C 203 23.46 2.02 -20.26
CA GLU C 203 22.62 2.73 -21.21
C GLU C 203 21.15 2.32 -21.02
N SER C 204 20.91 1.01 -20.94
CA SER C 204 19.56 0.49 -20.78
C SER C 204 18.89 0.93 -19.48
N ILE C 205 19.67 1.11 -18.42
CA ILE C 205 19.09 1.46 -17.14
C ILE C 205 18.73 2.94 -17.10
N LEU C 206 19.65 3.76 -17.62
CA LEU C 206 19.51 5.21 -17.59
C LEU C 206 18.52 5.77 -18.60
N ASN C 207 18.35 5.08 -19.72
CA ASN C 207 17.27 5.40 -20.63
C ASN C 207 15.88 5.36 -20.00
N GLU C 208 15.70 4.47 -19.02
CA GLU C 208 14.41 4.32 -18.36
C GLU C 208 14.24 5.30 -17.20
N LEU C 209 15.29 6.06 -16.92
CA LEU C 209 15.29 7.02 -15.82
C LEU C 209 15.50 8.45 -16.28
N LYS C 210 15.76 8.64 -17.57
CA LYS C 210 16.07 9.97 -18.06
C LYS C 210 14.81 10.81 -18.25
N ASP C 211 13.66 10.19 -18.03
CA ASP C 211 12.38 10.86 -18.25
C ASP C 211 11.74 11.24 -16.92
N PHE C 212 12.28 10.73 -15.82
CA PHE C 212 11.65 10.88 -14.52
C PHE C 212 12.59 11.38 -13.42
N ILE C 213 13.49 12.28 -13.79
CA ILE C 213 14.49 12.75 -12.84
C ILE C 213 13.89 13.50 -11.65
N PRO C 214 12.92 14.41 -11.90
CA PRO C 214 12.38 15.15 -10.75
C PRO C 214 11.72 14.24 -9.72
N TYR C 215 11.18 13.11 -10.18
CA TYR C 215 10.47 12.18 -9.31
C TYR C 215 11.45 11.40 -8.45
N LEU C 216 12.56 10.99 -9.06
CA LEU C 216 13.62 10.25 -8.38
C LEU C 216 14.33 11.08 -7.32
N ILE C 217 14.74 12.28 -7.67
CA ILE C 217 15.36 13.17 -6.70
C ILE C 217 14.52 13.35 -5.44
N GLN C 218 13.19 13.35 -5.57
CA GLN C 218 12.32 13.64 -4.44
C GLN C 218 11.82 12.39 -3.74
N ASP C 219 12.18 11.24 -4.29
CA ASP C 219 11.72 9.97 -3.76
C ASP C 219 12.57 9.56 -2.56
N GLN C 220 12.04 8.71 -1.69
CA GLN C 220 12.78 8.28 -0.50
C GLN C 220 13.86 7.24 -0.79
N TYR C 221 13.70 6.49 -1.88
CA TYR C 221 14.71 5.52 -2.31
C TYR C 221 15.40 5.92 -3.61
N GLY C 222 14.69 6.65 -4.46
CA GLY C 222 15.26 7.05 -5.73
C GLY C 222 16.40 8.04 -5.62
N ASN C 223 16.40 8.84 -4.56
CA ASN C 223 17.39 9.90 -4.44
C ASN C 223 18.78 9.35 -4.24
N TYR C 224 18.83 8.08 -3.82
CA TYR C 224 20.10 7.41 -3.62
C TYR C 224 20.64 6.98 -4.98
N VAL C 225 19.72 6.65 -5.89
CA VAL C 225 20.10 6.24 -7.23
C VAL C 225 20.62 7.44 -7.98
N ILE C 226 19.98 8.58 -7.74
CA ILE C 226 20.44 9.84 -8.30
C ILE C 226 21.81 10.21 -7.72
N GLN C 227 21.96 10.05 -6.40
CA GLN C 227 23.22 10.40 -5.74
C GLN C 227 24.37 9.55 -6.25
N TYR C 228 24.07 8.34 -6.69
CA TYR C 228 25.12 7.47 -7.21
C TYR C 228 25.59 7.94 -8.57
N VAL C 229 24.67 8.44 -9.38
CA VAL C 229 25.05 8.95 -10.68
C VAL C 229 25.84 10.26 -10.56
N LEU C 230 25.54 11.02 -9.50
CA LEU C 230 26.18 12.32 -9.28
C LEU C 230 27.65 12.17 -8.92
N GLN C 231 27.98 11.08 -8.23
CA GLN C 231 29.36 10.87 -7.77
C GLN C 231 30.17 10.05 -8.76
N GLN C 232 29.78 10.08 -10.03
CA GLN C 232 30.56 9.44 -11.09
C GLN C 232 31.48 10.45 -11.77
N ASP C 233 32.67 10.01 -12.15
CA ASP C 233 33.62 10.86 -12.86
C ASP C 233 33.35 10.88 -14.36
N GLN C 234 33.98 11.83 -15.06
CA GLN C 234 33.78 11.98 -16.50
C GLN C 234 34.58 10.95 -17.29
N PHE C 235 35.16 9.98 -16.56
CA PHE C 235 35.90 8.89 -17.16
C PHE C 235 34.96 7.82 -17.71
N THR C 236 33.70 7.86 -17.26
CA THR C 236 32.70 6.87 -17.65
C THR C 236 32.16 7.09 -19.06
N ASN C 237 31.11 6.36 -19.41
CA ASN C 237 30.57 6.39 -20.76
C ASN C 237 29.86 7.70 -21.13
N LYS C 238 29.36 7.76 -22.37
CA LYS C 238 28.70 8.96 -22.89
C LYS C 238 27.35 9.21 -22.24
N GLU C 239 26.68 8.14 -21.83
CA GLU C 239 25.38 8.24 -21.19
C GLU C 239 25.49 8.87 -19.79
N MET C 240 26.46 8.42 -19.01
CA MET C 240 26.63 8.89 -17.63
C MET C 240 26.89 10.38 -17.55
N VAL C 241 27.55 10.91 -18.57
CA VAL C 241 27.84 12.33 -18.61
C VAL C 241 26.54 13.10 -18.88
N ASP C 242 25.75 12.61 -19.83
CA ASP C 242 24.52 13.28 -20.19
C ASP C 242 23.49 13.27 -19.06
N ILE C 243 23.39 12.15 -18.36
CA ILE C 243 22.41 12.00 -17.28
C ILE C 243 22.82 12.83 -16.07
N LYS C 244 24.13 12.91 -15.82
CA LYS C 244 24.63 13.74 -14.74
C LYS C 244 24.27 15.20 -14.98
N GLN C 245 24.43 15.65 -16.23
CA GLN C 245 24.07 17.02 -16.59
C GLN C 245 22.57 17.26 -16.40
N GLU C 246 21.75 16.29 -16.79
CA GLU C 246 20.30 16.45 -16.64
C GLU C 246 19.92 16.66 -15.19
N ILE C 247 20.65 16.00 -14.30
CA ILE C 247 20.35 16.09 -12.88
C ILE C 247 20.69 17.49 -12.38
N ILE C 248 21.86 17.98 -12.78
CA ILE C 248 22.33 19.30 -12.40
C ILE C 248 21.37 20.38 -12.87
N GLU C 249 20.92 20.25 -14.11
CA GLU C 249 19.99 21.21 -14.67
C GLU C 249 18.67 21.13 -13.91
N THR C 250 18.23 19.92 -13.57
CA THR C 250 16.95 19.80 -12.88
C THR C 250 16.99 20.42 -11.48
N VAL C 251 18.14 20.25 -10.82
CA VAL C 251 18.34 20.82 -9.49
C VAL C 251 18.52 22.34 -9.59
N ALA C 252 19.17 22.78 -10.65
CA ALA C 252 19.39 24.19 -10.89
C ALA C 252 18.05 24.91 -11.04
N ASN C 253 17.09 24.23 -11.67
CA ASN C 253 15.79 24.83 -11.91
C ASN C 253 14.98 24.97 -10.64
N ASN C 254 15.24 24.08 -9.68
CA ASN C 254 14.49 24.10 -8.42
C ASN C 254 15.36 24.09 -7.17
N VAL C 255 16.45 24.85 -7.20
CA VAL C 255 17.41 24.84 -6.10
C VAL C 255 16.74 25.10 -4.76
N VAL C 256 15.94 26.15 -4.69
CA VAL C 256 15.32 26.55 -3.44
C VAL C 256 14.38 25.47 -2.90
N GLU C 257 13.58 24.90 -3.80
CA GLU C 257 12.56 23.94 -3.38
C GLU C 257 13.17 22.61 -2.97
N TYR C 258 14.15 22.14 -3.73
CA TYR C 258 14.79 20.87 -3.46
C TYR C 258 15.56 20.90 -2.14
N SER C 259 16.25 22.00 -1.88
CA SER C 259 16.97 22.17 -0.63
C SER C 259 16.04 22.22 0.59
N LYS C 260 14.80 22.68 0.39
CA LYS C 260 13.83 22.70 1.48
C LYS C 260 13.12 21.34 1.63
N HIS C 261 13.43 20.42 0.73
CA HIS C 261 12.88 19.05 0.72
C HIS C 261 13.72 18.11 1.59
N LYS C 262 13.08 17.13 2.22
CA LYS C 262 13.77 16.18 3.10
C LYS C 262 14.76 15.28 2.38
N PHE C 263 14.30 14.66 1.29
CA PHE C 263 15.11 13.74 0.51
C PHE C 263 15.93 14.44 -0.58
N ALA C 264 15.32 15.41 -1.24
CA ALA C 264 15.99 16.13 -2.33
C ALA C 264 17.18 17.01 -1.90
N SER C 265 17.19 17.42 -0.63
CA SER C 265 18.27 18.28 -0.13
C SER C 265 19.63 17.60 -0.22
N ASN C 266 19.64 16.29 -0.05
CA ASN C 266 20.86 15.52 -0.13
C ASN C 266 21.37 15.45 -1.56
N VAL C 267 20.43 15.56 -2.50
CA VAL C 267 20.80 15.53 -3.90
C VAL C 267 21.47 16.83 -4.29
N VAL C 268 20.98 17.94 -3.73
CA VAL C 268 21.58 19.24 -3.98
C VAL C 268 23.01 19.27 -3.43
N GLU C 269 23.18 18.70 -2.24
CA GLU C 269 24.50 18.66 -1.61
C GLU C 269 25.49 17.92 -2.49
N LYS C 270 25.04 16.79 -3.04
CA LYS C 270 25.93 15.95 -3.84
C LYS C 270 26.18 16.62 -5.17
N SER C 271 25.25 17.48 -5.58
CA SER C 271 25.39 18.13 -6.87
C SER C 271 26.49 19.17 -6.84
N ILE C 272 26.55 19.93 -5.74
CA ILE C 272 27.53 20.99 -5.61
C ILE C 272 28.85 20.47 -5.09
N LEU C 273 28.87 19.19 -4.75
CA LEU C 273 30.07 18.56 -4.25
C LEU C 273 30.83 17.82 -5.35
N TYR C 274 30.10 17.06 -6.18
CA TYR C 274 30.72 16.27 -7.23
C TYR C 274 30.52 16.83 -8.63
N GLY C 275 29.89 17.99 -8.73
CA GLY C 275 29.67 18.59 -10.04
C GLY C 275 30.89 19.36 -10.51
N SER C 276 31.09 19.38 -11.83
CA SER C 276 32.20 20.10 -12.46
C SER C 276 32.16 21.63 -12.25
N LYS C 277 33.21 22.31 -12.72
CA LYS C 277 33.34 23.74 -12.48
C LYS C 277 32.12 24.49 -13.02
N ASN C 278 31.70 24.13 -14.22
CA ASN C 278 30.57 24.79 -14.86
C ASN C 278 29.25 24.38 -14.21
N GLN C 279 29.12 23.09 -13.93
CA GLN C 279 27.90 22.56 -13.32
C GLN C 279 27.65 23.13 -11.92
N LYS C 280 28.74 23.33 -11.16
CA LYS C 280 28.64 23.80 -9.79
C LYS C 280 28.21 25.26 -9.76
N ASP C 281 28.78 26.06 -10.66
CA ASP C 281 28.48 27.48 -10.72
C ASP C 281 27.03 27.73 -11.17
N LEU C 282 26.47 26.80 -11.95
CA LEU C 282 25.11 26.92 -12.47
C LEU C 282 24.06 26.83 -11.37
N ILE C 283 24.35 26.03 -10.35
CA ILE C 283 23.43 25.87 -9.23
C ILE C 283 23.55 27.02 -8.25
N ILE C 284 24.77 27.49 -8.03
CA ILE C 284 25.02 28.52 -7.03
C ILE C 284 24.48 29.86 -7.52
N SER C 285 24.55 30.05 -8.83
CA SER C 285 24.13 31.30 -9.46
C SER C 285 22.68 31.60 -9.14
N LYS C 286 21.91 30.56 -8.86
CA LYS C 286 20.50 30.75 -8.57
C LYS C 286 20.28 31.25 -7.15
N ILE C 287 21.30 31.14 -6.31
CA ILE C 287 21.18 31.53 -4.90
C ILE C 287 21.95 32.79 -4.57
N LEU C 288 23.03 33.02 -5.32
CA LEU C 288 23.94 34.15 -5.09
C LEU C 288 23.28 35.52 -5.18
N PRO C 289 23.63 36.41 -4.24
CA PRO C 289 23.28 37.83 -4.31
C PRO C 289 24.00 38.51 -5.47
N ARG C 290 23.35 39.51 -6.07
CA ARG C 290 23.89 40.15 -7.28
C ARG C 290 25.21 40.90 -7.01
N ASP C 291 25.30 41.57 -5.86
CA ASP C 291 26.49 42.34 -5.50
C ASP C 291 26.69 42.42 -3.99
N LYS C 292 27.58 43.31 -3.57
CA LYS C 292 27.92 43.49 -2.16
C LYS C 292 26.79 44.10 -1.34
N ASN C 293 26.01 44.98 -1.97
CA ASN C 293 24.88 45.64 -1.31
C ASN C 293 23.67 44.74 -1.11
N HIS C 294 23.45 43.82 -2.06
CA HIS C 294 22.33 42.89 -1.97
C HIS C 294 22.57 41.89 -0.85
N ALA C 295 23.84 41.54 -0.65
CA ALA C 295 24.22 40.57 0.37
C ALA C 295 24.05 41.14 1.78
N LEU C 296 24.41 42.41 1.94
CA LEU C 296 24.31 43.07 3.24
C LEU C 296 22.86 43.32 3.65
N ASN C 297 22.02 43.62 2.67
CA ASN C 297 20.61 43.91 2.94
C ASN C 297 19.68 42.99 2.16
N LEU C 298 19.57 41.74 2.60
CA LEU C 298 18.75 40.75 1.91
C LEU C 298 17.29 40.85 2.36
N GLU C 299 16.38 40.50 1.47
CA GLU C 299 14.97 40.49 1.79
C GLU C 299 14.57 39.13 2.36
N ASP C 300 13.41 39.07 2.99
CA ASP C 300 12.96 37.86 3.66
C ASP C 300 12.44 36.80 2.67
N ASP C 301 12.37 37.14 1.40
CA ASP C 301 11.91 36.20 0.38
C ASP C 301 13.02 35.80 -0.59
N SER C 302 14.26 36.21 -0.32
CA SER C 302 15.38 35.88 -1.19
C SER C 302 15.81 34.43 -1.02
N PRO C 303 16.35 33.82 -2.09
CA PRO C 303 16.79 32.43 -2.06
C PRO C 303 17.68 32.11 -0.84
N MET C 304 18.63 32.98 -0.52
CA MET C 304 19.51 32.75 0.61
C MET C 304 18.76 32.66 1.93
N ILE C 305 17.95 33.68 2.21
CA ILE C 305 17.25 33.78 3.49
C ILE C 305 16.18 32.70 3.66
N LEU C 306 15.61 32.26 2.54
CA LEU C 306 14.60 31.20 2.57
C LEU C 306 15.26 29.86 2.88
N MET C 307 16.55 29.78 2.58
CA MET C 307 17.30 28.54 2.76
C MET C 307 17.92 28.47 4.15
N ILE C 308 18.42 29.60 4.63
CA ILE C 308 19.07 29.65 5.94
C ILE C 308 18.06 29.37 7.06
N LYS C 309 16.83 29.84 6.87
CA LYS C 309 15.79 29.66 7.87
C LYS C 309 15.23 28.23 7.88
N ASP C 310 15.40 27.50 6.78
CA ASP C 310 14.82 26.16 6.64
C ASP C 310 15.63 25.06 7.33
N GLN C 311 14.93 24.00 7.73
CA GLN C 311 15.53 22.91 8.49
C GLN C 311 16.44 22.01 7.67
N PHE C 312 16.16 21.88 6.38
CA PHE C 312 16.94 21.02 5.51
C PHE C 312 17.91 21.85 4.69
N ALA C 313 17.48 23.06 4.31
CA ALA C 313 18.26 23.86 3.38
C ALA C 313 19.49 24.51 4.03
N ASN C 314 19.51 24.59 5.35
CA ASN C 314 20.66 25.18 6.02
C ASN C 314 21.93 24.35 5.82
N TYR C 315 21.75 23.05 5.61
CA TYR C 315 22.89 22.15 5.40
C TYR C 315 23.48 22.42 4.03
N VAL C 316 22.62 22.78 3.08
CA VAL C 316 23.06 23.10 1.75
C VAL C 316 23.85 24.40 1.78
N ILE C 317 23.38 25.35 2.59
CA ILE C 317 24.09 26.61 2.79
C ILE C 317 25.46 26.33 3.41
N GLN C 318 25.50 25.48 4.42
CA GLN C 318 26.75 25.04 5.03
C GLN C 318 27.66 24.39 4.01
N LYS C 319 27.06 23.61 3.10
CA LYS C 319 27.82 22.86 2.13
C LYS C 319 28.39 23.80 1.07
N LEU C 320 27.69 24.90 0.86
CA LEU C 320 28.07 25.88 -0.15
C LEU C 320 29.34 26.60 0.26
N VAL C 321 29.40 26.95 1.55
CA VAL C 321 30.55 27.65 2.08
C VAL C 321 31.86 26.92 1.76
N ASN C 322 31.83 25.60 1.90
CA ASN C 322 33.02 24.77 1.71
C ASN C 322 33.47 24.66 0.26
N VAL C 323 32.52 24.50 -0.66
CA VAL C 323 32.87 24.22 -2.05
C VAL C 323 32.91 25.45 -2.95
N SER C 324 32.63 26.63 -2.38
CA SER C 324 32.50 27.87 -3.16
C SER C 324 33.83 28.48 -3.63
N GLU C 325 33.80 29.06 -4.82
CA GLU C 325 34.94 29.76 -5.40
C GLU C 325 35.15 31.12 -4.74
N GLY C 326 36.40 31.57 -4.71
CA GLY C 326 36.79 32.79 -4.00
C GLY C 326 35.85 33.97 -4.15
N GLU C 327 35.37 34.19 -5.38
CA GLU C 327 34.45 35.28 -5.65
C GLU C 327 33.04 35.00 -5.14
N GLY C 328 32.58 33.76 -5.35
CA GLY C 328 31.25 33.36 -4.90
C GLY C 328 31.18 33.18 -3.40
N LYS C 329 32.27 32.66 -2.83
CA LYS C 329 32.35 32.44 -1.40
C LYS C 329 32.30 33.78 -0.67
N LYS C 330 32.93 34.78 -1.27
CA LYS C 330 32.99 36.12 -0.69
C LYS C 330 31.59 36.70 -0.49
N LEU C 331 30.69 36.41 -1.42
CA LEU C 331 29.34 36.95 -1.36
C LEU C 331 28.45 36.19 -0.39
N ILE C 332 28.69 34.88 -0.28
CA ILE C 332 27.87 34.03 0.57
C ILE C 332 28.20 34.22 2.05
N VAL C 333 29.49 34.26 2.34
CA VAL C 333 29.95 34.40 3.72
C VAL C 333 29.38 35.65 4.37
N ILE C 334 29.46 36.78 3.66
CA ILE C 334 29.02 38.05 4.20
C ILE C 334 27.49 38.12 4.29
N ALA C 335 26.81 37.30 3.50
CA ALA C 335 25.37 37.23 3.50
C ALA C 335 24.84 36.53 4.75
N ILE C 336 25.59 35.53 5.20
CA ILE C 336 25.25 34.78 6.40
C ILE C 336 25.53 35.63 7.63
N ARG C 337 26.65 36.35 7.59
CA ARG C 337 27.05 37.24 8.67
C ARG C 337 25.99 38.30 8.92
N ALA C 338 25.34 38.75 7.84
CA ALA C 338 24.32 39.79 7.94
C ALA C 338 23.03 39.28 8.58
N TYR C 339 22.78 37.99 8.42
CA TYR C 339 21.57 37.38 8.99
C TYR C 339 21.69 37.21 10.50
N LEU C 340 22.91 36.97 10.96
CA LEU C 340 23.16 36.76 12.38
C LEU C 340 22.91 38.03 13.18
N ASP C 341 23.19 39.17 12.56
CA ASP C 341 23.06 40.46 13.22
C ASP C 341 21.60 40.88 13.46
N LYS C 342 20.73 40.58 12.49
CA LYS C 342 19.32 40.99 12.55
C LYS C 342 18.53 40.29 13.66
N LEU C 343 18.69 38.98 13.77
CA LEU C 343 17.94 38.22 14.76
C LEU C 343 18.72 38.10 16.08
N LEU C 354 18.64 27.99 17.81
CA LEU C 354 18.59 26.71 17.12
C LEU C 354 19.99 26.23 16.75
N ALA C 355 20.13 24.94 16.53
CA ALA C 355 21.42 24.32 16.21
C ALA C 355 21.88 24.63 14.78
N SER C 356 20.93 24.97 13.92
CA SER C 356 21.24 25.30 12.53
C SER C 356 21.96 26.64 12.42
N VAL C 357 21.57 27.58 13.29
CA VAL C 357 22.16 28.90 13.27
C VAL C 357 23.47 28.87 14.07
N GLU C 358 23.57 27.93 15.00
CA GLU C 358 24.77 27.78 15.80
C GLU C 358 25.93 27.29 14.92
N LYS C 359 25.62 26.39 14.00
CA LYS C 359 26.63 25.77 13.16
C LYS C 359 27.11 26.73 12.08
N LEU C 360 26.21 27.61 11.64
CA LEU C 360 26.56 28.62 10.65
C LEU C 360 27.35 29.73 11.32
N ALA C 361 26.94 30.08 12.54
CA ALA C 361 27.63 31.12 13.29
C ALA C 361 29.12 30.84 13.38
N ALA C 362 29.46 29.74 14.04
CA ALA C 362 30.86 29.42 14.34
C ALA C 362 31.71 29.23 13.09
N LEU C 363 31.19 28.48 12.13
CA LEU C 363 31.95 28.16 10.94
C LEU C 363 32.22 29.39 10.08
N VAL C 364 31.50 30.47 10.35
CA VAL C 364 31.77 31.76 9.71
C VAL C 364 32.91 32.46 10.43
N GLU C 365 32.79 32.55 11.75
CA GLU C 365 33.81 33.18 12.58
C GLU C 365 35.16 32.48 12.43
N SER E 5 -47.13 4.78 2.60
CA SER E 5 -48.12 3.75 2.31
C SER E 5 -48.98 3.43 3.53
N PRO E 6 -50.30 3.26 3.30
CA PRO E 6 -51.31 3.06 4.35
C PRO E 6 -51.03 1.88 5.29
N LEU E 7 -50.67 0.72 4.75
CA LEU E 7 -50.46 -0.49 5.57
C LEU E 7 -49.24 -0.37 6.49
N LEU E 8 -48.22 0.34 6.04
CA LEU E 8 -47.02 0.56 6.83
C LEU E 8 -47.31 1.52 7.99
N GLU E 9 -48.20 2.47 7.75
CA GLU E 9 -48.60 3.41 8.78
C GLU E 9 -49.48 2.75 9.82
N GLN E 10 -50.21 1.70 9.39
CA GLN E 10 -51.09 0.98 10.29
C GLN E 10 -50.30 0.09 11.25
N LEU E 11 -49.09 -0.28 10.82
CA LEU E 11 -48.22 -1.17 11.58
C LEU E 11 -47.50 -0.44 12.71
N ARG E 12 -46.90 0.69 12.37
CA ARG E 12 -46.04 1.41 13.30
C ARG E 12 -46.83 2.11 14.40
N ASN E 13 -48.04 2.54 14.07
CA ASN E 13 -48.87 3.28 15.01
C ASN E 13 -49.84 2.39 15.80
N SER E 14 -49.57 1.08 15.79
CA SER E 14 -50.40 0.13 16.52
C SER E 14 -49.58 -1.06 17.03
N ASN E 23 -53.05 -5.89 16.21
CA ASN E 23 -51.87 -6.23 15.43
C ASN E 23 -52.23 -6.96 14.13
N MET E 24 -51.42 -6.76 13.10
CA MET E 24 -51.65 -7.38 11.79
C MET E 24 -50.97 -8.74 11.62
N SER E 25 -51.31 -9.42 10.53
CA SER E 25 -50.65 -10.67 10.14
C SER E 25 -50.36 -10.69 8.63
N LEU E 26 -49.70 -11.74 8.17
CA LEU E 26 -49.27 -11.84 6.77
C LEU E 26 -50.43 -11.89 5.76
N LYS E 27 -51.63 -12.16 6.25
CA LYS E 27 -52.78 -12.27 5.37
C LYS E 27 -53.24 -10.86 5.00
N ASP E 28 -52.89 -9.90 5.86
CA ASP E 28 -53.31 -8.51 5.71
C ASP E 28 -52.45 -7.71 4.73
N ILE E 29 -51.31 -8.26 4.38
CA ILE E 29 -50.37 -7.53 3.53
C ILE E 29 -50.14 -8.23 2.19
N PHE E 30 -51.22 -8.71 1.57
CA PHE E 30 -51.06 -9.49 0.35
C PHE E 30 -50.71 -8.62 -0.83
N GLY E 31 -51.04 -7.34 -0.75
CA GLY E 31 -50.79 -6.47 -1.87
C GLY E 31 -49.38 -5.93 -1.90
N HIS E 32 -48.80 -5.73 -0.72
CA HIS E 32 -47.57 -4.97 -0.59
C HIS E 32 -46.50 -5.70 0.23
N SER E 33 -46.17 -6.92 -0.17
CA SER E 33 -45.18 -7.72 0.56
C SER E 33 -43.79 -7.22 0.25
N LEU E 34 -43.55 -7.01 -1.04
CA LEU E 34 -42.26 -6.54 -1.53
C LEU E 34 -41.95 -5.16 -0.93
N GLU E 35 -43.00 -4.35 -0.79
CA GLU E 35 -42.86 -3.04 -0.17
C GLU E 35 -42.53 -3.16 1.31
N PHE E 36 -43.03 -4.22 1.95
CA PHE E 36 -42.84 -4.43 3.38
C PHE E 36 -41.44 -4.91 3.70
N CYS E 37 -40.89 -5.70 2.78
CA CYS E 37 -39.56 -6.29 2.94
C CYS E 37 -38.46 -5.25 2.89
N LYS E 38 -38.62 -4.29 1.98
CA LYS E 38 -37.62 -3.24 1.77
C LYS E 38 -37.61 -2.16 2.86
N ASP E 39 -38.72 -2.04 3.59
CA ASP E 39 -38.78 -1.16 4.74
C ASP E 39 -38.20 -1.88 5.95
N GLN E 40 -37.60 -1.14 6.87
CA GLN E 40 -37.01 -1.75 8.05
C GLN E 40 -38.05 -2.37 8.97
N HIS E 41 -38.98 -1.56 9.44
CA HIS E 41 -39.95 -2.03 10.41
C HIS E 41 -40.87 -3.09 9.80
N GLY E 42 -41.12 -2.98 8.50
CA GLY E 42 -41.95 -3.92 7.78
C GLY E 42 -41.28 -5.27 7.61
N SER E 43 -39.95 -5.25 7.51
CA SER E 43 -39.15 -6.47 7.43
C SER E 43 -39.08 -7.22 8.75
N ARG E 44 -38.76 -6.51 9.83
CA ARG E 44 -38.70 -7.12 11.16
C ARG E 44 -40.03 -7.77 11.54
N PHE E 45 -41.11 -7.25 10.94
CA PHE E 45 -42.43 -7.81 11.18
C PHE E 45 -42.56 -9.13 10.47
N ILE E 46 -42.07 -9.17 9.25
CA ILE E 46 -42.15 -10.39 8.45
C ILE E 46 -41.22 -11.47 8.98
N GLN E 47 -40.04 -11.07 9.44
CA GLN E 47 -39.14 -12.04 10.03
C GLN E 47 -39.83 -12.68 11.24
N ARG E 48 -40.50 -11.85 12.04
CA ARG E 48 -41.14 -12.28 13.27
C ARG E 48 -42.23 -13.30 12.96
N GLU E 49 -43.01 -13.01 11.92
CA GLU E 49 -44.18 -13.82 11.57
C GLU E 49 -43.78 -15.13 10.90
N LEU E 50 -42.77 -15.08 10.04
CA LEU E 50 -42.39 -16.29 9.31
C LEU E 50 -41.96 -17.42 10.25
N ALA E 51 -41.55 -17.06 11.46
CA ALA E 51 -41.10 -18.07 12.41
C ALA E 51 -42.28 -18.82 13.01
N THR E 52 -43.43 -18.17 13.04
CA THR E 52 -44.59 -18.71 13.76
C THR E 52 -45.79 -19.01 12.84
N SER E 53 -45.84 -18.35 11.67
CA SER E 53 -46.96 -18.50 10.73
C SER E 53 -47.04 -19.87 10.08
N PRO E 54 -48.27 -20.35 9.80
CA PRO E 54 -48.49 -21.65 9.16
C PRO E 54 -47.99 -21.66 7.72
N ALA E 55 -47.93 -22.85 7.12
CA ALA E 55 -47.46 -23.00 5.75
C ALA E 55 -48.22 -22.14 4.72
N SER E 56 -49.53 -21.99 4.90
CA SER E 56 -50.36 -21.25 3.95
C SER E 56 -49.97 -19.78 3.90
N GLU E 57 -49.84 -19.16 5.06
CA GLU E 57 -49.48 -17.75 5.13
C GLU E 57 -48.05 -17.54 4.62
N LYS E 58 -47.18 -18.54 4.81
CA LYS E 58 -45.82 -18.43 4.32
C LYS E 58 -45.76 -18.54 2.80
N GLU E 59 -46.58 -19.42 2.23
CA GLU E 59 -46.61 -19.59 0.78
C GLU E 59 -47.12 -18.32 0.09
N VAL E 60 -48.06 -17.64 0.74
CA VAL E 60 -48.67 -16.46 0.13
C VAL E 60 -47.64 -15.36 -0.03
N ILE E 61 -46.80 -15.19 0.99
CA ILE E 61 -45.75 -14.17 0.93
C ILE E 61 -44.72 -14.59 -0.07
N PHE E 62 -44.32 -15.85 -0.02
CA PHE E 62 -43.28 -16.36 -0.90
C PHE E 62 -43.64 -16.27 -2.37
N ASN E 63 -44.79 -16.77 -2.75
CA ASN E 63 -45.20 -16.78 -4.15
C ASN E 63 -45.34 -15.38 -4.69
N GLU E 64 -45.42 -14.40 -3.80
CA GLU E 64 -45.58 -13.02 -4.22
C GLU E 64 -44.21 -12.37 -4.48
N ILE E 65 -43.28 -12.57 -3.57
CA ILE E 65 -41.94 -11.97 -3.70
C ILE E 65 -40.88 -12.91 -4.30
N ARG E 66 -41.29 -14.06 -4.82
CA ARG E 66 -40.32 -15.01 -5.37
C ARG E 66 -39.60 -14.46 -6.61
N ASP E 67 -40.24 -13.58 -7.34
CA ASP E 67 -39.64 -13.06 -8.57
C ASP E 67 -38.57 -12.01 -8.27
N ASP E 68 -38.66 -11.37 -7.11
CA ASP E 68 -37.72 -10.32 -6.75
C ASP E 68 -36.78 -10.78 -5.63
N ALA E 69 -36.41 -12.04 -5.66
CA ALA E 69 -35.60 -12.63 -4.59
C ALA E 69 -34.16 -12.17 -4.69
N ILE E 70 -33.67 -12.00 -5.91
CA ILE E 70 -32.31 -11.52 -6.11
C ILE E 70 -32.17 -10.06 -5.64
N GLU E 71 -33.14 -9.23 -6.01
CA GLU E 71 -33.11 -7.83 -5.62
C GLU E 71 -33.18 -7.66 -4.11
N LEU E 72 -33.99 -8.51 -3.47
CA LEU E 72 -34.20 -8.46 -2.03
C LEU E 72 -32.99 -8.98 -1.28
N SER E 73 -32.27 -9.92 -1.90
CA SER E 73 -31.06 -10.47 -1.30
C SER E 73 -30.05 -9.37 -1.10
N ASN E 74 -30.01 -8.48 -2.09
CA ASN E 74 -29.06 -7.37 -2.14
C ASN E 74 -29.51 -6.24 -1.22
N ASP E 75 -30.77 -6.29 -0.79
CA ASP E 75 -31.39 -5.19 -0.02
C ASP E 75 -30.94 -5.11 1.43
N VAL E 76 -30.87 -3.88 1.94
CA VAL E 76 -30.39 -3.64 3.29
C VAL E 76 -31.26 -4.30 4.36
N PHE E 77 -32.58 -4.30 4.14
CA PHE E 77 -33.53 -4.87 5.09
C PHE E 77 -34.22 -6.12 4.51
N GLY E 78 -34.25 -6.22 3.19
CA GLY E 78 -34.90 -7.33 2.53
C GLY E 78 -34.11 -8.63 2.57
N ASN E 79 -32.82 -8.55 2.86
CA ASN E 79 -32.00 -9.76 2.90
C ASN E 79 -32.38 -10.68 4.05
N TYR E 80 -32.82 -10.11 5.17
CA TYR E 80 -33.21 -10.92 6.30
C TYR E 80 -34.41 -11.80 5.98
N VAL E 81 -35.31 -11.30 5.14
CA VAL E 81 -36.53 -12.03 4.82
C VAL E 81 -36.25 -13.24 3.94
N ILE E 82 -35.27 -13.13 3.06
CA ILE E 82 -34.89 -14.25 2.22
C ILE E 82 -34.15 -15.29 3.05
N GLN E 83 -33.40 -14.82 4.04
CA GLN E 83 -32.74 -15.72 4.97
C GLN E 83 -33.76 -16.55 5.73
N LYS E 84 -34.87 -15.91 6.12
CA LYS E 84 -35.90 -16.59 6.88
C LYS E 84 -36.62 -17.64 6.06
N PHE E 85 -36.58 -17.54 4.75
CA PHE E 85 -37.21 -18.57 3.91
C PHE E 85 -36.32 -19.78 3.72
N PHE E 86 -35.08 -19.67 4.16
CA PHE E 86 -34.17 -20.81 4.20
C PHE E 86 -34.28 -21.48 5.56
N GLU E 87 -34.50 -20.67 6.59
CA GLU E 87 -34.57 -21.12 7.97
C GLU E 87 -35.93 -21.72 8.30
N PHE E 88 -37.00 -21.13 7.75
CA PHE E 88 -38.36 -21.55 8.05
C PHE E 88 -39.15 -22.02 6.84
N GLY E 89 -38.58 -21.83 5.65
CA GLY E 89 -39.26 -22.21 4.43
C GLY E 89 -39.34 -23.71 4.15
N SER E 90 -40.13 -24.07 3.14
CA SER E 90 -40.32 -25.47 2.77
C SER E 90 -39.26 -25.91 1.79
N LYS E 91 -39.20 -27.21 1.56
CA LYS E 91 -38.21 -27.79 0.65
C LYS E 91 -38.38 -27.23 -0.78
N ILE E 92 -39.63 -27.07 -1.20
CA ILE E 92 -39.89 -26.57 -2.55
C ILE E 92 -39.49 -25.11 -2.66
N GLN E 93 -39.69 -24.35 -1.58
CA GLN E 93 -39.37 -22.94 -1.56
C GLN E 93 -37.87 -22.72 -1.57
N LYS E 94 -37.15 -23.53 -0.78
CA LYS E 94 -35.70 -23.45 -0.74
C LYS E 94 -35.09 -23.81 -2.09
N ASN E 95 -35.68 -24.77 -2.79
CA ASN E 95 -35.18 -25.16 -4.10
C ASN E 95 -35.39 -24.08 -5.14
N THR E 96 -36.45 -23.29 -4.97
CA THR E 96 -36.80 -22.25 -5.92
C THR E 96 -35.78 -21.12 -5.81
N LEU E 97 -35.41 -20.77 -4.58
CA LEU E 97 -34.44 -19.73 -4.36
C LEU E 97 -33.08 -20.18 -4.90
N VAL E 98 -32.74 -21.44 -4.67
CA VAL E 98 -31.44 -21.93 -5.13
C VAL E 98 -31.34 -21.86 -6.64
N ASP E 99 -32.42 -22.22 -7.32
CA ASP E 99 -32.43 -22.22 -8.78
C ASP E 99 -32.21 -20.82 -9.32
N GLN E 100 -32.56 -19.82 -8.51
CA GLN E 100 -32.39 -18.43 -8.92
C GLN E 100 -30.96 -17.98 -8.71
N PHE E 101 -30.30 -18.60 -7.74
CA PHE E 101 -28.94 -18.21 -7.40
C PHE E 101 -27.96 -18.83 -8.39
N LYS E 102 -28.37 -19.88 -9.09
CA LYS E 102 -27.47 -20.55 -10.04
C LYS E 102 -27.04 -19.63 -11.18
N GLY E 103 -25.73 -19.46 -11.33
CA GLY E 103 -25.19 -18.60 -12.36
C GLY E 103 -25.01 -17.19 -11.82
N ASN E 104 -25.29 -17.02 -10.54
CA ASN E 104 -25.17 -15.72 -9.92
C ASN E 104 -24.38 -15.75 -8.62
N MET E 105 -23.69 -16.87 -8.38
CA MET E 105 -22.99 -17.08 -7.12
C MET E 105 -21.83 -16.12 -6.95
N LYS E 106 -21.15 -15.84 -8.04
CA LYS E 106 -20.01 -14.96 -7.95
C LYS E 106 -20.51 -13.57 -7.60
N GLN E 107 -21.57 -13.13 -8.28
CA GLN E 107 -22.06 -11.79 -8.06
C GLN E 107 -22.61 -11.59 -6.65
N LEU E 108 -23.35 -12.59 -6.17
CA LEU E 108 -24.04 -12.47 -4.89
C LEU E 108 -23.08 -12.54 -3.71
N SER E 109 -22.01 -13.28 -3.88
CA SER E 109 -21.05 -13.45 -2.82
C SER E 109 -20.23 -12.19 -2.59
N LEU E 110 -20.19 -11.33 -3.60
CA LEU E 110 -19.43 -10.08 -3.53
C LEU E 110 -20.26 -8.92 -2.97
N GLN E 111 -21.58 -9.03 -3.10
CA GLN E 111 -22.52 -7.99 -2.65
C GLN E 111 -22.58 -7.92 -1.12
N MET E 112 -22.69 -6.70 -0.60
CA MET E 112 -22.60 -6.48 0.85
C MET E 112 -23.63 -7.26 1.67
N TYR E 113 -24.86 -7.30 1.18
CA TYR E 113 -25.95 -7.91 1.91
C TYR E 113 -26.31 -9.29 1.36
N ALA E 114 -26.08 -9.52 0.08
CA ALA E 114 -26.43 -10.80 -0.52
C ALA E 114 -25.50 -11.92 -0.05
N CYS E 115 -24.28 -11.58 0.33
CA CYS E 115 -23.39 -12.64 0.78
C CYS E 115 -23.89 -13.26 2.07
N ARG E 116 -24.65 -12.50 2.86
CA ARG E 116 -25.22 -12.99 4.13
C ARG E 116 -26.32 -14.00 3.85
N VAL E 117 -27.04 -13.78 2.75
CA VAL E 117 -28.04 -14.72 2.30
C VAL E 117 -27.35 -16.00 1.82
N ILE E 118 -26.29 -15.86 1.03
CA ILE E 118 -25.58 -17.03 0.52
C ILE E 118 -25.02 -17.88 1.66
N GLN E 119 -24.48 -17.22 2.66
CA GLN E 119 -23.96 -17.90 3.84
C GLN E 119 -25.07 -18.60 4.62
N LYS E 120 -26.25 -17.97 4.69
CA LYS E 120 -27.34 -18.57 5.44
C LYS E 120 -27.88 -19.72 4.64
N ALA E 121 -27.77 -19.64 3.32
CA ALA E 121 -28.36 -20.64 2.47
C ALA E 121 -27.56 -21.92 2.61
N LEU E 122 -26.23 -21.78 2.58
CA LEU E 122 -25.33 -22.92 2.71
C LEU E 122 -25.57 -23.74 3.99
N GLU E 123 -26.06 -23.08 5.03
CA GLU E 123 -26.33 -23.75 6.29
C GLU E 123 -27.58 -24.65 6.23
N TYR E 124 -28.52 -24.33 5.34
CA TYR E 124 -29.83 -24.98 5.39
C TYR E 124 -30.17 -25.90 4.21
N ILE E 125 -29.65 -25.59 3.03
CA ILE E 125 -29.88 -26.41 1.82
C ILE E 125 -29.11 -27.73 1.89
N ASP E 126 -29.36 -28.63 0.95
CA ASP E 126 -28.80 -29.99 1.04
C ASP E 126 -27.38 -30.08 0.49
N SER E 127 -26.66 -31.12 0.89
CA SER E 127 -25.24 -31.20 0.61
C SER E 127 -24.94 -31.06 -0.88
N ASN E 128 -25.82 -31.57 -1.71
CA ASN E 128 -25.58 -31.55 -3.15
C ASN E 128 -25.77 -30.16 -3.73
N GLN E 129 -26.64 -29.38 -3.09
CA GLN E 129 -26.92 -28.04 -3.56
C GLN E 129 -25.83 -27.08 -3.10
N ARG E 130 -25.21 -27.37 -1.96
CA ARG E 130 -24.12 -26.54 -1.45
C ARG E 130 -22.89 -26.54 -2.36
N ILE E 131 -22.43 -27.73 -2.74
CA ILE E 131 -21.28 -27.84 -3.62
C ILE E 131 -21.60 -27.32 -5.04
N GLU E 132 -22.82 -27.57 -5.49
CA GLU E 132 -23.26 -27.14 -6.82
C GLU E 132 -23.16 -25.62 -6.99
N LEU E 133 -23.48 -24.89 -5.93
CA LEU E 133 -23.37 -23.44 -5.96
C LEU E 133 -21.92 -23.00 -5.79
N VAL E 134 -21.19 -23.70 -4.92
CA VAL E 134 -19.82 -23.32 -4.59
C VAL E 134 -18.84 -23.60 -5.73
N LEU E 135 -19.13 -24.59 -6.58
CA LEU E 135 -18.33 -24.84 -7.77
C LEU E 135 -18.26 -23.68 -8.77
N GLU E 136 -19.15 -22.71 -8.60
CA GLU E 136 -19.15 -21.55 -9.46
C GLU E 136 -18.03 -20.59 -9.07
N LEU E 137 -17.44 -20.83 -7.90
CA LEU E 137 -16.36 -20.01 -7.42
C LEU E 137 -15.04 -20.73 -7.56
N SER E 138 -15.00 -21.77 -8.40
CA SER E 138 -13.77 -22.56 -8.51
C SER E 138 -12.61 -21.80 -9.17
N ASP E 139 -12.94 -20.81 -10.00
CA ASP E 139 -11.93 -20.06 -10.74
C ASP E 139 -11.67 -18.68 -10.16
N SER E 140 -12.35 -18.38 -9.06
CA SER E 140 -12.22 -17.08 -8.43
C SER E 140 -11.93 -17.21 -6.93
N VAL E 141 -11.20 -18.25 -6.55
CA VAL E 141 -10.91 -18.53 -5.15
C VAL E 141 -10.10 -17.43 -4.48
N LEU E 142 -9.03 -17.00 -5.16
CA LEU E 142 -8.16 -15.93 -4.66
C LEU E 142 -8.87 -14.59 -4.63
N GLN E 143 -9.71 -14.35 -5.63
CA GLN E 143 -10.51 -13.14 -5.67
C GLN E 143 -11.41 -13.05 -4.43
N MET E 144 -12.05 -14.17 -4.10
CA MET E 144 -13.08 -14.26 -3.07
C MET E 144 -12.52 -14.12 -1.68
N ILE E 145 -11.36 -14.74 -1.48
CA ILE E 145 -10.63 -14.65 -0.22
C ILE E 145 -10.18 -13.23 0.08
N LYS E 146 -9.78 -12.51 -0.97
CA LYS E 146 -9.27 -11.17 -0.78
C LYS E 146 -10.40 -10.16 -0.58
N ASP E 147 -11.61 -10.54 -0.97
CA ASP E 147 -12.79 -9.68 -0.86
C ASP E 147 -13.34 -9.57 0.58
N GLN E 148 -13.88 -8.40 0.92
CA GLN E 148 -14.35 -8.15 2.28
C GLN E 148 -15.56 -9.00 2.61
N ASN E 149 -16.32 -9.32 1.57
CA ASN E 149 -17.55 -10.08 1.72
C ASN E 149 -17.37 -11.53 1.28
N GLY E 150 -16.67 -11.73 0.17
CA GLY E 150 -16.47 -13.04 -0.39
C GLY E 150 -15.67 -14.02 0.47
N ASN E 151 -14.84 -13.52 1.37
CA ASN E 151 -14.05 -14.43 2.21
C ASN E 151 -14.93 -15.19 3.19
N HIS E 152 -16.03 -14.57 3.57
CA HIS E 152 -16.93 -15.17 4.55
C HIS E 152 -17.72 -16.29 3.90
N VAL E 153 -17.87 -16.17 2.59
CA VAL E 153 -18.55 -17.18 1.82
C VAL E 153 -17.66 -18.40 1.64
N ILE E 154 -16.40 -18.15 1.37
CA ILE E 154 -15.39 -19.20 1.34
C ILE E 154 -15.27 -19.89 2.69
N GLN E 155 -15.13 -19.12 3.77
CA GLN E 155 -15.08 -19.69 5.10
C GLN E 155 -16.28 -20.58 5.37
N LYS E 156 -17.46 -20.13 4.96
CA LYS E 156 -18.68 -20.90 5.20
C LYS E 156 -18.68 -22.18 4.37
N ALA E 157 -18.15 -22.10 3.15
CA ALA E 157 -18.11 -23.26 2.26
C ALA E 157 -17.21 -24.34 2.84
N ILE E 158 -16.12 -23.93 3.48
CA ILE E 158 -15.20 -24.88 4.10
C ILE E 158 -15.86 -25.54 5.32
N GLU E 159 -16.67 -24.76 6.03
CA GLU E 159 -17.31 -25.22 7.25
C GLU E 159 -18.48 -26.14 6.96
N THR E 160 -19.10 -25.96 5.80
CA THR E 160 -20.31 -26.69 5.50
C THR E 160 -20.07 -27.88 4.56
N ILE E 161 -19.12 -27.74 3.65
CA ILE E 161 -18.79 -28.80 2.69
C ILE E 161 -17.48 -29.52 3.05
N PRO E 162 -17.48 -30.87 2.95
CA PRO E 162 -16.28 -31.67 3.20
C PRO E 162 -15.13 -31.32 2.27
N ILE E 163 -13.93 -31.24 2.82
CA ILE E 163 -12.78 -30.81 2.03
C ILE E 163 -12.54 -31.68 0.79
N GLU E 164 -12.94 -32.94 0.82
CA GLU E 164 -12.71 -33.81 -0.33
C GLU E 164 -13.49 -33.35 -1.57
N LYS E 165 -14.51 -32.53 -1.36
CA LYS E 165 -15.32 -32.03 -2.44
C LYS E 165 -14.84 -30.63 -2.88
N LEU E 166 -13.83 -30.12 -2.16
CA LEU E 166 -13.30 -28.78 -2.44
C LEU E 166 -11.80 -28.78 -2.74
N PRO E 167 -11.40 -29.48 -3.81
CA PRO E 167 -9.96 -29.55 -4.11
C PRO E 167 -9.48 -28.26 -4.76
N PHE E 168 -10.40 -27.49 -5.33
CA PHE E 168 -10.05 -26.32 -6.10
C PHE E 168 -9.65 -25.15 -5.22
N ILE E 169 -9.91 -25.27 -3.92
CA ILE E 169 -9.60 -24.18 -3.01
C ILE E 169 -8.11 -24.16 -2.69
N LEU E 170 -7.59 -25.30 -2.26
CA LEU E 170 -6.18 -25.38 -1.91
C LEU E 170 -5.27 -25.37 -3.13
N SER E 171 -5.73 -25.94 -4.24
CA SER E 171 -4.92 -26.01 -5.44
C SER E 171 -4.77 -24.65 -6.11
N SER E 172 -5.70 -23.74 -5.82
CA SER E 172 -5.64 -22.38 -6.33
C SER E 172 -4.84 -21.51 -5.39
N LEU E 173 -4.41 -22.08 -4.27
CA LEU E 173 -3.73 -21.31 -3.23
C LEU E 173 -2.26 -21.65 -3.09
N THR E 174 -1.79 -22.63 -3.86
CA THR E 174 -0.39 -23.06 -3.75
C THR E 174 0.56 -22.00 -4.33
N GLY E 175 1.44 -21.50 -3.46
CA GLY E 175 2.34 -20.40 -3.81
C GLY E 175 1.94 -19.08 -3.18
N HIS E 176 0.70 -19.02 -2.70
CA HIS E 176 0.19 -17.79 -2.10
C HIS E 176 -0.09 -17.93 -0.59
N ILE E 177 0.29 -19.06 -0.02
CA ILE E 177 -0.08 -19.37 1.35
C ILE E 177 0.59 -18.46 2.38
N TYR E 178 1.83 -18.04 2.12
CA TYR E 178 2.49 -17.15 3.06
C TYR E 178 1.91 -15.74 2.98
N HIS E 179 1.62 -15.29 1.77
CA HIS E 179 1.08 -13.96 1.55
C HIS E 179 -0.30 -13.80 2.20
N LEU E 180 -1.12 -14.86 2.14
CA LEU E 180 -2.45 -14.83 2.71
C LEU E 180 -2.43 -14.95 4.23
N SER E 181 -1.39 -15.55 4.77
CA SER E 181 -1.24 -15.69 6.21
C SER E 181 -0.87 -14.38 6.88
N THR E 182 -0.35 -13.44 6.08
CA THR E 182 -0.11 -12.09 6.57
C THR E 182 -1.18 -11.10 6.13
N HIS E 183 -2.22 -11.60 5.48
CA HIS E 183 -3.36 -10.78 5.02
C HIS E 183 -4.51 -10.80 6.03
N SER E 184 -5.32 -9.73 6.03
CA SER E 184 -6.42 -9.55 6.98
C SER E 184 -7.44 -10.69 6.94
N TYR E 185 -7.86 -11.03 5.73
CA TYR E 185 -8.90 -12.04 5.51
C TYR E 185 -8.30 -13.40 5.25
N GLY E 186 -7.13 -13.44 4.61
CA GLY E 186 -6.44 -14.66 4.29
C GLY E 186 -6.08 -15.51 5.50
N CYS E 187 -5.74 -14.86 6.61
CA CYS E 187 -5.38 -15.61 7.81
C CYS E 187 -6.58 -16.37 8.40
N ARG E 188 -7.78 -15.83 8.18
CA ARG E 188 -9.01 -16.47 8.63
C ARG E 188 -9.29 -17.72 7.79
N VAL E 189 -9.06 -17.63 6.49
CA VAL E 189 -9.27 -18.77 5.60
C VAL E 189 -8.25 -19.90 5.83
N ILE E 190 -6.99 -19.54 6.04
CA ILE E 190 -5.94 -20.52 6.27
C ILE E 190 -6.23 -21.32 7.51
N GLN E 191 -6.56 -20.61 8.60
CA GLN E 191 -6.95 -21.27 9.84
C GLN E 191 -8.09 -22.27 9.60
N ARG E 192 -9.06 -21.88 8.78
CA ARG E 192 -10.15 -22.77 8.46
C ARG E 192 -9.68 -23.98 7.65
N LEU E 193 -8.75 -23.77 6.72
CA LEU E 193 -8.26 -24.86 5.89
C LEU E 193 -7.42 -25.82 6.70
N LEU E 194 -6.84 -25.31 7.78
CA LEU E 194 -6.03 -26.18 8.62
C LEU E 194 -6.93 -26.99 9.54
N GLU E 195 -8.10 -26.47 9.82
CA GLU E 195 -9.01 -27.09 10.75
C GLU E 195 -9.80 -28.21 10.07
N PHE E 196 -10.32 -27.92 8.88
CA PHE E 196 -11.17 -28.86 8.16
C PHE E 196 -10.41 -29.74 7.18
N GLY E 197 -9.19 -29.34 6.86
CA GLY E 197 -8.38 -30.05 5.90
C GLY E 197 -7.83 -31.38 6.40
N SER E 198 -7.40 -32.20 5.44
CA SER E 198 -6.87 -33.53 5.73
C SER E 198 -5.41 -33.45 6.09
N SER E 199 -4.82 -34.58 6.40
CA SER E 199 -3.40 -34.61 6.75
C SER E 199 -2.55 -34.11 5.60
N GLU E 200 -2.92 -34.45 4.37
CA GLU E 200 -2.15 -34.04 3.21
C GLU E 200 -2.30 -32.55 2.97
N ASP E 201 -3.48 -32.01 3.31
CA ASP E 201 -3.76 -30.58 3.13
C ASP E 201 -2.99 -29.74 4.14
N GLN E 202 -3.00 -30.17 5.40
CA GLN E 202 -2.26 -29.48 6.44
C GLN E 202 -0.78 -29.52 6.11
N GLU E 203 -0.36 -30.57 5.40
CA GLU E 203 1.04 -30.70 4.99
C GLU E 203 1.34 -29.61 3.96
N SER E 204 0.47 -29.46 2.98
CA SER E 204 0.75 -28.53 1.90
C SER E 204 0.86 -27.09 2.40
N ILE E 205 0.05 -26.75 3.40
CA ILE E 205 -0.03 -25.39 3.92
C ILE E 205 1.20 -25.10 4.77
N LEU E 206 1.54 -26.03 5.65
CA LEU E 206 2.64 -25.85 6.59
C LEU E 206 4.00 -25.84 5.90
N ASN E 207 4.09 -26.47 4.74
CA ASN E 207 5.37 -26.55 4.02
C ASN E 207 5.81 -25.19 3.50
N GLU E 208 4.83 -24.33 3.29
CA GLU E 208 5.08 -23.00 2.76
C GLU E 208 5.21 -21.99 3.89
N LEU E 209 5.21 -22.47 5.12
CA LEU E 209 5.34 -21.57 6.25
C LEU E 209 6.49 -22.00 7.15
N LYS E 210 7.01 -23.19 6.91
CA LYS E 210 8.01 -23.75 7.80
C LYS E 210 9.36 -23.06 7.59
N ASP E 211 9.38 -22.14 6.64
CA ASP E 211 10.60 -21.44 6.30
C ASP E 211 10.55 -20.00 6.81
N PHE E 212 9.38 -19.57 7.25
CA PHE E 212 9.19 -18.17 7.60
C PHE E 212 8.57 -17.95 8.96
N ILE E 213 8.92 -18.79 9.93
CA ILE E 213 8.29 -18.74 11.24
C ILE E 213 8.56 -17.41 11.96
N PRO E 214 9.80 -16.92 11.94
CA PRO E 214 10.06 -15.68 12.68
C PRO E 214 9.25 -14.50 12.13
N TYR E 215 8.92 -14.55 10.84
CA TYR E 215 8.18 -13.46 10.22
C TYR E 215 6.72 -13.50 10.63
N LEU E 216 6.16 -14.70 10.64
CA LEU E 216 4.77 -14.91 11.02
C LEU E 216 4.51 -14.52 12.47
N ILE E 217 5.37 -14.99 13.37
CA ILE E 217 5.23 -14.69 14.79
C ILE E 217 5.14 -13.20 15.06
N GLN E 218 5.86 -12.41 14.28
CA GLN E 218 5.95 -10.97 14.52
C GLN E 218 4.97 -10.16 13.66
N ASP E 219 4.24 -10.85 12.79
CA ASP E 219 3.28 -10.19 11.92
C ASP E 219 1.98 -9.91 12.65
N GLN E 220 1.20 -8.95 12.15
CA GLN E 220 -0.05 -8.57 12.81
C GLN E 220 -1.18 -9.55 12.55
N TYR E 221 -1.10 -10.28 11.45
CA TYR E 221 -2.10 -11.29 11.12
C TYR E 221 -1.52 -12.71 11.19
N GLY E 222 -0.23 -12.83 10.92
CA GLY E 222 0.41 -14.13 10.94
C GLY E 222 0.48 -14.77 12.32
N ASN E 223 0.56 -13.96 13.37
CA ASN E 223 0.73 -14.50 14.71
C ASN E 223 -0.47 -15.30 15.17
N TYR E 224 -1.61 -15.05 14.54
CA TYR E 224 -2.82 -15.78 14.83
C TYR E 224 -2.74 -17.17 14.21
N VAL E 225 -2.08 -17.24 13.06
CA VAL E 225 -1.90 -18.52 12.37
C VAL E 225 -0.94 -19.37 13.16
N ILE E 226 0.08 -18.73 13.71
CA ILE E 226 1.02 -19.39 14.61
C ILE E 226 0.31 -19.85 15.88
N GLN E 227 -0.53 -18.99 16.44
CA GLN E 227 -1.21 -19.31 17.68
C GLN E 227 -2.15 -20.50 17.49
N TYR E 228 -2.67 -20.67 16.28
CA TYR E 228 -3.56 -21.79 16.02
C TYR E 228 -2.80 -23.09 16.00
N VAL E 229 -1.59 -23.06 15.46
CA VAL E 229 -0.77 -24.28 15.43
C VAL E 229 -0.31 -24.65 16.84
N LEU E 230 -0.13 -23.64 17.70
CA LEU E 230 0.37 -23.85 19.05
C LEU E 230 -0.64 -24.57 19.94
N GLN E 231 -1.92 -24.34 19.68
CA GLN E 231 -2.98 -24.91 20.50
C GLN E 231 -3.50 -26.23 19.93
N GLN E 232 -2.66 -26.91 19.17
CA GLN E 232 -2.99 -28.24 18.65
C GLN E 232 -2.39 -29.32 19.53
N ASP E 233 -3.14 -30.40 19.74
CA ASP E 233 -2.66 -31.53 20.54
C ASP E 233 -1.79 -32.47 19.71
N GLN E 234 -1.09 -33.38 20.40
CA GLN E 234 -0.19 -34.32 19.72
C GLN E 234 -0.93 -35.49 19.08
N PHE E 235 -2.26 -35.37 19.06
CA PHE E 235 -3.15 -36.36 18.44
C PHE E 235 -3.19 -36.17 16.92
N THR E 236 -2.74 -35.00 16.46
CA THR E 236 -2.74 -34.66 15.04
C THR E 236 -1.62 -35.33 14.25
N ASN E 237 -1.45 -34.92 13.01
CA ASN E 237 -0.51 -35.58 12.10
C ASN E 237 0.95 -35.35 12.46
N LYS E 238 1.84 -35.92 11.65
CA LYS E 238 3.28 -35.84 11.88
C LYS E 238 3.82 -34.44 11.60
N GLU E 239 3.17 -33.72 10.68
CA GLU E 239 3.60 -32.38 10.33
C GLU E 239 3.31 -31.38 11.46
N MET E 240 2.12 -31.45 12.03
CA MET E 240 1.73 -30.52 13.09
C MET E 240 2.62 -30.58 14.32
N VAL E 241 3.16 -31.77 14.59
CA VAL E 241 4.06 -31.95 15.72
C VAL E 241 5.39 -31.25 15.42
N ASP E 242 5.89 -31.44 14.21
CA ASP E 242 7.18 -30.87 13.83
C ASP E 242 7.14 -29.35 13.76
N ILE E 243 6.05 -28.80 13.25
CA ILE E 243 5.92 -27.36 13.10
C ILE E 243 5.74 -26.69 14.46
N LYS E 244 4.99 -27.35 15.34
CA LYS E 244 4.82 -26.85 16.69
C LYS E 244 6.17 -26.74 17.40
N GLN E 245 7.00 -27.75 17.23
CA GLN E 245 8.34 -27.73 17.82
C GLN E 245 9.18 -26.58 17.25
N GLU E 246 9.11 -26.36 15.94
CA GLU E 246 9.88 -25.29 15.31
C GLU E 246 9.51 -23.93 15.89
N ILE E 247 8.24 -23.78 16.23
CA ILE E 247 7.77 -22.52 16.79
C ILE E 247 8.34 -22.33 18.19
N ILE E 248 8.31 -23.38 18.98
CA ILE E 248 8.82 -23.36 20.34
C ILE E 248 10.31 -23.03 20.36
N GLU E 249 11.04 -23.68 19.46
CA GLU E 249 12.47 -23.43 19.34
C GLU E 249 12.75 -21.99 18.89
N THR E 250 11.95 -21.47 17.98
CA THR E 250 12.16 -20.12 17.49
C THR E 250 11.88 -19.09 18.58
N VAL E 251 10.87 -19.37 19.41
CA VAL E 251 10.52 -18.49 20.53
C VAL E 251 11.56 -18.60 21.62
N ALA E 252 12.06 -19.82 21.82
CA ALA E 252 13.07 -20.08 22.83
C ALA E 252 14.34 -19.30 22.51
N ASN E 253 14.63 -19.15 21.22
CA ASN E 253 15.83 -18.45 20.80
C ASN E 253 15.72 -16.95 21.03
N ASN E 254 14.49 -16.43 21.02
CA ASN E 254 14.28 -15.00 21.16
C ASN E 254 13.23 -14.63 22.21
N VAL E 255 13.24 -15.34 23.33
CA VAL E 255 12.24 -15.16 24.37
C VAL E 255 12.11 -13.71 24.78
N VAL E 256 13.22 -13.08 25.10
CA VAL E 256 13.21 -11.72 25.61
C VAL E 256 12.65 -10.74 24.58
N GLU E 257 13.08 -10.89 23.33
CA GLU E 257 12.70 -9.94 22.29
C GLU E 257 11.24 -10.09 21.88
N TYR E 258 10.79 -11.33 21.75
CA TYR E 258 9.42 -11.60 21.34
C TYR E 258 8.43 -11.12 22.40
N SER E 259 8.77 -11.31 23.67
CA SER E 259 7.91 -10.89 24.77
C SER E 259 7.80 -9.38 24.84
N LYS E 260 8.85 -8.68 24.38
CA LYS E 260 8.83 -7.22 24.34
C LYS E 260 8.14 -6.69 23.08
N HIS E 261 7.76 -7.61 22.18
CA HIS E 261 7.05 -7.29 20.93
C HIS E 261 5.53 -7.23 21.14
N LYS E 262 4.84 -6.38 20.36
CA LYS E 262 3.39 -6.21 20.48
C LYS E 262 2.58 -7.45 20.09
N PHE E 263 2.91 -8.00 18.92
CA PHE E 263 2.21 -9.16 18.37
C PHE E 263 2.83 -10.49 18.81
N ALA E 264 4.15 -10.55 18.85
CA ALA E 264 4.87 -11.77 19.22
C ALA E 264 4.68 -12.19 20.68
N SER E 265 4.34 -11.25 21.56
CA SER E 265 4.19 -11.57 22.99
C SER E 265 3.07 -12.57 23.22
N ASN E 266 2.03 -12.48 22.38
CA ASN E 266 0.90 -13.38 22.48
C ASN E 266 1.30 -14.77 22.06
N VAL E 267 2.31 -14.84 21.21
CA VAL E 267 2.81 -16.13 20.75
C VAL E 267 3.59 -16.82 21.87
N VAL E 268 4.33 -16.03 22.63
CA VAL E 268 5.09 -16.58 23.75
C VAL E 268 4.14 -17.11 24.83
N GLU E 269 3.06 -16.36 25.07
CA GLU E 269 2.07 -16.77 26.05
C GLU E 269 1.45 -18.12 25.66
N LYS E 270 1.14 -18.26 24.38
CA LYS E 270 0.50 -19.47 23.91
C LYS E 270 1.50 -20.62 23.90
N SER E 271 2.77 -20.29 23.82
CA SER E 271 3.80 -21.29 23.75
C SER E 271 3.99 -21.95 25.11
N ILE E 272 3.97 -21.14 26.17
CA ILE E 272 4.16 -21.66 27.51
C ILE E 272 2.86 -22.20 28.11
N LEU E 273 1.77 -21.99 27.39
CA LEU E 273 0.47 -22.44 27.84
C LEU E 273 0.12 -23.80 27.24
N TYR E 274 0.34 -23.95 25.93
CA TYR E 274 -0.04 -25.18 25.25
C TYR E 274 1.13 -26.08 24.88
N GLY E 275 2.33 -25.70 25.29
CA GLY E 275 3.51 -26.50 25.00
C GLY E 275 3.68 -27.62 26.00
N SER E 276 4.24 -28.74 25.52
CA SER E 276 4.51 -29.92 26.34
C SER E 276 5.50 -29.67 27.48
N LYS E 277 5.67 -30.69 28.32
CA LYS E 277 6.53 -30.57 29.51
C LYS E 277 7.93 -30.14 29.12
N ASN E 278 8.48 -30.77 28.09
CA ASN E 278 9.83 -30.46 27.62
C ASN E 278 9.88 -29.12 26.91
N GLN E 279 8.89 -28.87 26.06
CA GLN E 279 8.83 -27.63 25.29
C GLN E 279 8.67 -26.41 26.20
N LYS E 280 7.92 -26.56 27.28
CA LYS E 280 7.63 -25.44 28.18
C LYS E 280 8.87 -25.07 28.96
N ASP E 281 9.60 -26.09 29.41
CA ASP E 281 10.80 -25.89 30.22
C ASP E 281 11.93 -25.24 29.39
N LEU E 282 11.92 -25.50 28.08
CA LEU E 282 12.93 -24.96 27.17
C LEU E 282 12.87 -23.44 27.03
N ILE E 283 11.66 -22.91 27.08
CA ILE E 283 11.46 -21.47 26.96
C ILE E 283 11.75 -20.77 28.29
N ILE E 284 11.35 -21.39 29.38
CA ILE E 284 11.48 -20.78 30.71
C ILE E 284 12.94 -20.74 31.13
N SER E 285 13.68 -21.75 30.70
CA SER E 285 15.08 -21.90 31.06
C SER E 285 15.89 -20.70 30.60
N LYS E 286 15.40 -20.02 29.58
CA LYS E 286 16.11 -18.86 29.05
C LYS E 286 15.90 -17.64 29.94
N ILE E 287 14.93 -17.73 30.85
CA ILE E 287 14.59 -16.59 31.70
C ILE E 287 14.87 -16.85 33.17
N LEU E 288 14.81 -18.12 33.55
CA LEU E 288 15.02 -18.54 34.94
C LEU E 288 16.39 -18.16 35.46
N PRO E 289 16.44 -17.63 36.70
CA PRO E 289 17.68 -17.43 37.44
C PRO E 289 18.36 -18.76 37.78
N ARG E 290 19.69 -18.78 37.84
CA ARG E 290 20.45 -20.03 38.00
C ARG E 290 20.23 -20.72 39.34
N ASP E 291 20.06 -19.93 40.39
CA ASP E 291 19.83 -20.50 41.71
C ASP E 291 19.01 -19.54 42.58
N LYS E 292 18.94 -19.84 43.89
CA LYS E 292 18.17 -19.04 44.82
C LYS E 292 18.79 -17.65 45.02
N ASN E 293 20.12 -17.58 44.97
CA ASN E 293 20.86 -16.32 45.18
C ASN E 293 20.76 -15.34 44.00
N HIS E 294 20.75 -15.89 42.78
CA HIS E 294 20.63 -15.07 41.59
C HIS E 294 19.25 -14.44 41.56
N ALA E 295 18.28 -15.20 42.06
CA ALA E 295 16.88 -14.76 42.09
C ALA E 295 16.70 -13.61 43.07
N LEU E 296 17.40 -13.68 44.20
CA LEU E 296 17.31 -12.65 45.23
C LEU E 296 17.99 -11.36 44.80
N ASN E 297 19.08 -11.50 44.05
CA ASN E 297 19.82 -10.34 43.59
C ASN E 297 20.00 -10.35 42.08
N LEU E 298 18.99 -9.83 41.38
CA LEU E 298 19.03 -9.76 39.92
C LEU E 298 19.67 -8.47 39.43
N GLU E 299 20.23 -8.52 38.23
CA GLU E 299 20.80 -7.35 37.59
C GLU E 299 19.76 -6.69 36.68
N ASP E 300 19.93 -5.40 36.43
CA ASP E 300 18.97 -4.63 35.63
C ASP E 300 18.99 -4.96 34.13
N ASP E 301 19.88 -5.85 33.71
CA ASP E 301 19.93 -6.25 32.29
C ASP E 301 19.61 -7.73 32.16
N SER E 302 19.14 -8.34 33.23
CA SER E 302 18.77 -9.75 33.19
C SER E 302 17.43 -9.95 32.47
N PRO E 303 17.25 -11.13 31.85
CA PRO E 303 16.01 -11.44 31.13
C PRO E 303 14.75 -11.13 31.95
N MET E 304 14.75 -11.50 33.23
CA MET E 304 13.58 -11.26 34.09
C MET E 304 13.27 -9.78 34.21
N ILE E 305 14.27 -8.99 34.59
CA ILE E 305 14.09 -7.56 34.86
C ILE E 305 13.77 -6.77 33.59
N LEU E 306 14.28 -7.23 32.45
CA LEU E 306 13.99 -6.59 31.18
C LEU E 306 12.55 -6.84 30.76
N MET E 307 12.00 -7.94 31.26
CA MET E 307 10.64 -8.33 30.91
C MET E 307 9.62 -7.71 31.84
N ILE E 308 9.95 -7.63 33.13
CA ILE E 308 9.03 -7.08 34.11
C ILE E 308 8.79 -5.60 33.88
N LYS E 309 9.83 -4.91 33.43
CA LYS E 309 9.74 -3.48 33.19
C LYS E 309 8.98 -3.15 31.90
N ASP E 310 8.91 -4.12 30.99
CA ASP E 310 8.30 -3.88 29.67
C ASP E 310 6.79 -3.95 29.67
N GLN E 311 6.17 -3.23 28.72
CA GLN E 311 4.72 -3.11 28.65
C GLN E 311 4.01 -4.36 28.15
N PHE E 312 4.68 -5.15 27.32
CA PHE E 312 4.10 -6.34 26.75
C PHE E 312 4.61 -7.57 27.51
N ALA E 313 5.88 -7.51 27.91
CA ALA E 313 6.51 -8.68 28.49
C ALA E 313 6.06 -9.01 29.92
N ASN E 314 5.47 -8.03 30.60
CA ASN E 314 4.96 -8.28 31.94
C ASN E 314 3.82 -9.31 31.98
N TYR E 315 3.08 -9.41 30.87
CA TYR E 315 1.97 -10.34 30.78
C TYR E 315 2.52 -11.75 30.66
N VAL E 316 3.68 -11.86 30.00
CA VAL E 316 4.34 -13.14 29.86
C VAL E 316 4.86 -13.59 31.21
N ILE E 317 5.38 -12.64 31.99
CA ILE E 317 5.82 -12.91 33.35
C ILE E 317 4.63 -13.38 34.19
N GLN E 318 3.52 -12.68 34.07
CA GLN E 318 2.29 -13.07 34.74
C GLN E 318 1.86 -14.46 34.32
N LYS E 319 2.05 -14.77 33.04
CA LYS E 319 1.60 -16.04 32.49
C LYS E 319 2.50 -17.16 32.97
N LEU E 320 3.75 -16.80 33.25
CA LEU E 320 4.74 -17.77 33.70
C LEU E 320 4.41 -18.28 35.10
N VAL E 321 4.00 -17.37 35.97
CA VAL E 321 3.68 -17.70 37.35
C VAL E 321 2.65 -18.83 37.41
N ASN E 322 1.66 -18.75 36.53
CA ASN E 322 0.57 -19.72 36.53
C ASN E 322 0.97 -21.11 36.04
N VAL E 323 1.77 -21.17 34.99
CA VAL E 323 2.07 -22.45 34.35
C VAL E 323 3.37 -23.10 34.82
N SER E 324 4.07 -22.45 35.74
CA SER E 324 5.39 -22.91 36.18
C SER E 324 5.41 -24.10 37.13
N GLU E 325 6.41 -24.95 36.96
CA GLU E 325 6.61 -26.12 37.81
C GLU E 325 7.16 -25.72 39.17
N GLY E 326 6.83 -26.50 40.20
CA GLY E 326 7.18 -26.18 41.58
C GLY E 326 8.56 -25.62 41.81
N GLU E 327 9.55 -26.20 41.14
CA GLU E 327 10.93 -25.77 41.26
C GLU E 327 11.19 -24.46 40.52
N GLY E 328 10.64 -24.36 39.31
CA GLY E 328 10.79 -23.16 38.50
C GLY E 328 9.98 -22.01 39.03
N LYS E 329 8.79 -22.32 39.52
CA LYS E 329 7.89 -21.32 40.07
C LYS E 329 8.53 -20.68 41.30
N LYS E 330 9.22 -21.50 42.09
CA LYS E 330 9.86 -21.07 43.32
C LYS E 330 10.89 -19.96 43.05
N LEU E 331 11.58 -20.06 41.92
CA LEU E 331 12.62 -19.10 41.57
C LEU E 331 12.06 -17.81 40.98
N ILE E 332 10.94 -17.94 40.25
CA ILE E 332 10.34 -16.79 39.60
C ILE E 332 9.60 -15.91 40.58
N VAL E 333 8.83 -16.53 41.46
CA VAL E 333 8.03 -15.82 42.45
C VAL E 333 8.90 -14.90 43.28
N ILE E 334 10.01 -15.43 43.78
CA ILE E 334 10.88 -14.68 44.68
C ILE E 334 11.66 -13.61 43.94
N ALA E 335 11.79 -13.78 42.62
CA ALA E 335 12.48 -12.81 41.78
C ALA E 335 11.63 -11.57 41.55
N ILE E 336 10.31 -11.77 41.49
CA ILE E 336 9.37 -10.67 41.33
C ILE E 336 9.23 -9.91 42.64
N ARG E 337 9.19 -10.66 43.74
CA ARG E 337 9.12 -10.08 45.09
C ARG E 337 10.29 -9.15 45.35
N ALA E 338 11.45 -9.50 44.81
CA ALA E 338 12.67 -8.72 45.01
C ALA E 338 12.63 -7.40 44.25
N TYR E 339 11.92 -7.39 43.13
CA TYR E 339 11.82 -6.20 42.30
C TYR E 339 10.91 -5.15 42.93
N LEU E 340 9.91 -5.63 43.65
CA LEU E 340 8.93 -4.74 44.28
C LEU E 340 9.59 -3.93 45.40
N ASP E 341 10.57 -4.54 46.05
CA ASP E 341 11.23 -3.92 47.20
C ASP E 341 12.15 -2.77 46.79
N LYS E 342 12.85 -2.92 45.66
CA LYS E 342 13.82 -1.92 45.19
C LYS E 342 13.13 -0.62 44.79
N LEU E 343 11.99 -0.76 44.11
CA LEU E 343 11.24 0.39 43.64
C LEU E 343 10.12 0.74 44.60
N LEU E 354 2.28 1.97 38.15
CA LEU E 354 1.72 1.42 36.92
C LEU E 354 0.85 0.20 37.21
N ALA E 355 -0.04 -0.10 36.27
CA ALA E 355 -0.97 -1.21 36.40
C ALA E 355 -0.29 -2.57 36.23
N SER E 356 0.85 -2.57 35.53
CA SER E 356 1.60 -3.79 35.30
C SER E 356 2.24 -4.30 36.59
N VAL E 357 2.70 -3.37 37.41
CA VAL E 357 3.35 -3.72 38.66
C VAL E 357 2.30 -3.99 39.73
N GLU E 358 1.12 -3.41 39.55
CA GLU E 358 0.02 -3.62 40.48
C GLU E 358 -0.50 -5.06 40.39
N LYS E 359 -0.52 -5.57 39.17
CA LYS E 359 -1.07 -6.90 38.91
C LYS E 359 -0.10 -7.99 39.37
N LEU E 360 1.20 -7.69 39.26
CA LEU E 360 2.24 -8.62 39.72
C LEU E 360 2.30 -8.60 41.24
N ALA E 361 2.16 -7.42 41.82
CA ALA E 361 2.21 -7.26 43.26
C ALA E 361 1.21 -8.19 43.93
N ALA E 362 -0.07 -7.97 43.65
CA ALA E 362 -1.14 -8.68 44.34
C ALA E 362 -1.10 -10.19 44.11
N LEU E 363 -0.92 -10.59 42.86
CA LEU E 363 -0.96 -12.01 42.51
C LEU E 363 0.21 -12.79 43.12
N VAL E 364 1.22 -12.06 43.60
CA VAL E 364 2.31 -12.66 44.35
C VAL E 364 1.90 -12.85 45.81
N GLU E 365 1.39 -11.79 46.40
CA GLU E 365 0.91 -11.81 47.78
C GLU E 365 -0.19 -12.85 47.97
#